data_4LEE
#
_entry.id   4LEE
#
_cell.length_a   112.560
_cell.length_b   67.090
_cell.length_c   112.690
_cell.angle_alpha   90.00
_cell.angle_beta   103.55
_cell.angle_gamma   90.00
#
_symmetry.space_group_name_H-M   'P 1 21 1'
#
_entity_poly.entity_id   1
_entity_poly.type   'polypeptide(L)'
_entity_poly.pdbx_seq_one_letter_code
;GKTITGVFNSFNSLTWSNAATYNYKGPGTPTWNAVLGWSLDGTSASPGDTFTLNMPCVFMFTTSQTSVDLTAHGVKYATC
QFQAGEEFMTFSTLTCTVSNTLTPSIKALGTVTLPLVFNVGGTGSSVDLEDSKCFTAGTNTVTFNDGGKKISINVDFERS
NVDPKGYLTDSRVIPSLNKVSTLFVAPQCANGYTSGTMGFANTYGDVQIDCSNIHVGITKGLNDWNYPVSSESFSYTKTC
SSNGIFITYKNVPAGYRPFVDAYISATDVNSYTLSYANEYTCAGGYWQRAPFTLRWTGFRNSDAGSNGIVIVAT
;
_entity_poly.pdbx_strand_id   A,B,C,D
#
# COMPACT_ATOMS: atom_id res chain seq x y z
N GLY A 1 -39.82 -13.44 5.02
CA GLY A 1 -40.38 -14.38 3.99
C GLY A 1 -39.66 -14.26 2.66
N LYS A 2 -40.21 -13.42 1.78
CA LYS A 2 -39.66 -13.21 0.43
C LYS A 2 -38.82 -11.93 0.33
N THR A 3 -38.06 -11.79 -0.76
CA THR A 3 -37.18 -10.64 -0.94
C THR A 3 -37.65 -9.83 -2.14
N ILE A 4 -38.50 -8.84 -1.89
CA ILE A 4 -39.21 -8.16 -2.98
C ILE A 4 -38.27 -7.16 -3.66
N THR A 5 -38.63 -6.78 -4.89
CA THR A 5 -37.81 -5.87 -5.70
C THR A 5 -38.73 -4.85 -6.39
N GLY A 6 -38.15 -3.71 -6.76
CA GLY A 6 -38.86 -2.63 -7.45
C GLY A 6 -39.65 -1.66 -6.60
N VAL A 7 -39.40 -1.67 -5.29
CA VAL A 7 -40.04 -0.73 -4.39
C VAL A 7 -39.65 0.71 -4.71
N PHE A 8 -38.34 0.99 -4.77
CA PHE A 8 -37.86 2.28 -5.25
C PHE A 8 -37.87 2.27 -6.78
N ASN A 9 -38.75 3.06 -7.37
CA ASN A 9 -39.02 2.91 -8.80
C ASN A 9 -38.84 4.17 -9.65
N SER A 10 -38.26 5.23 -9.08
CA SER A 10 -38.07 6.47 -9.81
C SER A 10 -37.04 7.36 -9.14
N PHE A 11 -36.19 7.98 -9.95
CA PHE A 11 -35.22 8.93 -9.46
C PHE A 11 -35.79 10.31 -9.74
N ASN A 12 -36.53 10.85 -8.79
CA ASN A 12 -37.27 12.10 -9.04
C ASN A 12 -36.37 13.33 -9.16
N SER A 13 -35.37 13.46 -8.29
CA SER A 13 -34.51 14.67 -8.24
C SER A 13 -33.16 14.34 -7.65
N LEU A 14 -32.09 14.95 -8.17
CA LEU A 14 -30.76 14.87 -7.58
C LEU A 14 -30.17 16.28 -7.63
N THR A 15 -30.23 16.98 -6.50
CA THR A 15 -29.82 18.40 -6.39
C THR A 15 -28.84 18.66 -5.24
N TRP A 16 -27.89 19.56 -5.47
CA TRP A 16 -26.82 19.81 -4.53
C TRP A 16 -27.34 20.72 -3.43
N SER A 17 -26.78 20.59 -2.24
CA SER A 17 -27.01 21.54 -1.17
C SER A 17 -25.72 21.72 -0.38
N ASN A 18 -24.92 22.68 -0.82
CA ASN A 18 -23.62 23.00 -0.26
C ASN A 18 -23.68 22.94 1.24
N ALA A 19 -23.01 21.94 1.81
CA ALA A 19 -23.06 21.69 3.24
C ALA A 19 -22.29 22.76 3.99
N ALA A 20 -21.13 23.13 3.46
CA ALA A 20 -20.29 24.13 4.09
C ALA A 20 -20.05 25.03 2.87
N THR A 21 -18.93 25.75 2.89
CA THR A 21 -18.60 26.74 1.87
C THR A 21 -17.83 26.40 0.59
N TYR A 22 -18.01 25.16 0.12
CA TYR A 22 -17.31 24.69 -1.06
C TYR A 22 -17.50 25.60 -2.26
N ASN A 23 -16.40 25.91 -2.95
CA ASN A 23 -16.46 26.82 -4.10
C ASN A 23 -16.68 26.10 -5.43
N TYR A 24 -17.21 24.87 -5.38
CA TYR A 24 -17.65 24.19 -6.60
C TYR A 24 -18.72 23.12 -6.33
N LYS A 25 -19.48 22.80 -7.37
CA LYS A 25 -20.55 21.80 -7.31
C LYS A 25 -20.04 20.41 -7.73
N GLY A 26 -19.26 19.77 -6.86
CA GLY A 26 -18.75 18.42 -7.15
C GLY A 26 -19.49 17.34 -6.40
N PRO A 27 -19.49 16.11 -6.95
CA PRO A 27 -20.10 14.92 -6.33
C PRO A 27 -19.46 14.57 -4.99
N GLY A 28 -18.16 14.84 -4.87
CA GLY A 28 -17.45 14.60 -3.62
C GLY A 28 -17.72 15.66 -2.56
N THR A 29 -18.38 16.74 -2.97
CA THR A 29 -18.78 17.79 -2.03
C THR A 29 -20.23 17.58 -1.60
N PRO A 30 -20.48 17.50 -0.30
CA PRO A 30 -21.86 17.34 0.21
C PRO A 30 -22.59 18.68 0.14
N THR A 31 -23.92 18.67 0.14
CA THR A 31 -24.75 17.47 0.22
C THR A 31 -25.61 17.29 -1.05
N TRP A 32 -25.69 16.06 -1.54
CA TRP A 32 -26.58 15.79 -2.66
C TRP A 32 -27.83 15.09 -2.16
N ASN A 33 -28.98 15.69 -2.45
CA ASN A 33 -30.26 15.14 -2.04
C ASN A 33 -30.85 14.33 -3.17
N ALA A 34 -30.90 13.02 -2.96
CA ALA A 34 -31.57 12.10 -3.88
C ALA A 34 -33.00 11.90 -3.43
N VAL A 35 -33.95 12.30 -4.27
CA VAL A 35 -35.37 12.04 -4.01
C VAL A 35 -35.82 10.84 -4.85
N LEU A 36 -36.23 9.77 -4.17
CA LEU A 36 -36.62 8.54 -4.86
C LEU A 36 -38.08 8.20 -4.60
N GLY A 37 -38.78 7.76 -5.64
CA GLY A 37 -40.16 7.29 -5.47
C GLY A 37 -40.18 5.86 -4.99
N TRP A 38 -41.08 5.56 -4.05
CA TRP A 38 -41.23 4.21 -3.53
C TRP A 38 -42.69 3.80 -3.53
N SER A 39 -42.91 2.51 -3.69
CA SER A 39 -44.25 2.00 -3.57
C SER A 39 -44.33 0.57 -3.04
N LEU A 40 -45.17 0.40 -2.04
CA LEU A 40 -45.35 -0.89 -1.38
C LEU A 40 -46.79 -1.34 -1.53
N ASP A 41 -46.98 -2.59 -1.93
CA ASP A 41 -48.30 -3.14 -2.14
C ASP A 41 -48.62 -4.31 -1.22
N GLY A 42 -49.61 -4.13 -0.36
CA GLY A 42 -49.95 -5.13 0.63
C GLY A 42 -50.28 -6.50 0.04
N THR A 43 -50.91 -6.48 -1.13
CA THR A 43 -51.31 -7.71 -1.81
C THR A 43 -50.10 -8.57 -2.17
N SER A 44 -49.01 -7.91 -2.54
CA SER A 44 -47.81 -8.58 -3.03
C SER A 44 -46.65 -8.48 -2.04
N ALA A 45 -46.71 -7.52 -1.10
CA ALA A 45 -45.68 -7.39 -0.07
C ALA A 45 -46.27 -7.67 1.30
N SER A 46 -45.53 -8.47 2.09
CA SER A 46 -45.96 -8.86 3.43
C SER A 46 -44.95 -8.35 4.46
N PRO A 47 -45.39 -8.10 5.71
CA PRO A 47 -44.44 -7.64 6.76
C PRO A 47 -43.34 -8.67 6.99
N GLY A 48 -42.10 -8.21 7.12
CA GLY A 48 -40.94 -9.10 7.25
C GLY A 48 -40.11 -9.18 5.98
N ASP A 49 -40.77 -9.09 4.82
CA ASP A 49 -40.06 -9.13 3.54
C ASP A 49 -39.00 -8.05 3.48
N THR A 50 -37.98 -8.28 2.66
CA THR A 50 -36.82 -7.37 2.59
C THR A 50 -36.44 -6.96 1.20
N PHE A 51 -36.03 -5.70 1.05
CA PHE A 51 -35.57 -5.17 -0.22
C PHE A 51 -34.33 -4.31 0.00
N THR A 52 -33.42 -4.39 -0.95
CA THR A 52 -32.19 -3.62 -0.93
C THR A 52 -32.26 -2.62 -2.09
N LEU A 53 -31.70 -1.44 -1.84
CA LEU A 53 -31.39 -0.48 -2.89
C LEU A 53 -29.88 -0.31 -2.96
N ASN A 54 -29.29 -0.62 -4.11
CA ASN A 54 -27.84 -0.58 -4.27
C ASN A 54 -27.41 0.71 -4.99
N MET A 55 -26.50 1.46 -4.37
CA MET A 55 -26.13 2.78 -4.88
C MET A 55 -24.63 2.91 -5.13
N PRO A 56 -24.18 2.60 -6.35
CA PRO A 56 -22.76 2.69 -6.70
C PRO A 56 -22.19 4.10 -6.53
N CYS A 57 -20.92 4.18 -6.14
CA CYS A 57 -20.18 5.46 -6.10
C CYS A 57 -20.68 6.43 -5.04
N VAL A 58 -21.48 5.93 -4.10
CA VAL A 58 -21.96 6.76 -2.99
C VAL A 58 -21.12 6.45 -1.77
N PHE A 59 -20.42 7.48 -1.27
CA PHE A 59 -19.47 7.28 -0.18
C PHE A 59 -20.17 7.01 1.14
N MET A 60 -21.07 7.93 1.49
CA MET A 60 -21.79 7.88 2.75
C MET A 60 -22.99 8.80 2.71
N PHE A 61 -23.88 8.62 3.70
CA PHE A 61 -25.04 9.48 3.87
C PHE A 61 -24.72 10.58 4.88
N THR A 62 -24.84 11.83 4.44
CA THR A 62 -24.46 12.98 5.26
C THR A 62 -25.52 13.30 6.33
N THR A 63 -25.82 12.31 7.17
CA THR A 63 -26.73 12.48 8.29
C THR A 63 -26.25 11.62 9.47
N SER A 64 -26.60 12.05 10.69
CA SER A 64 -26.23 11.30 11.89
C SER A 64 -27.12 10.06 12.06
N GLN A 65 -28.24 10.04 11.35
CA GLN A 65 -29.20 8.94 11.50
C GLN A 65 -28.59 7.64 10.99
N THR A 66 -29.09 6.51 11.48
CA THR A 66 -28.65 5.22 10.97
C THR A 66 -29.71 4.52 10.09
N SER A 67 -30.93 5.05 10.12
CA SER A 67 -32.02 4.58 9.27
C SER A 67 -33.02 5.66 8.92
N VAL A 68 -33.83 5.35 7.91
CA VAL A 68 -34.90 6.19 7.43
C VAL A 68 -36.12 5.31 7.25
N ASP A 69 -37.28 5.86 7.59
CA ASP A 69 -38.52 5.11 7.50
C ASP A 69 -39.30 5.56 6.29
N LEU A 70 -39.93 4.60 5.62
CA LEU A 70 -40.82 4.85 4.51
C LEU A 70 -42.18 5.20 5.09
N THR A 71 -42.47 6.47 5.26
CA THR A 71 -43.64 6.93 5.96
C THR A 71 -44.74 7.60 5.18
N ALA A 72 -45.79 6.84 4.87
CA ALA A 72 -46.94 7.38 4.15
C ALA A 72 -47.81 7.89 5.29
N HIS A 73 -47.90 9.20 5.43
CA HIS A 73 -48.81 9.80 6.41
C HIS A 73 -48.58 9.38 7.87
N GLY A 74 -47.52 9.91 8.47
CA GLY A 74 -47.29 9.81 9.90
C GLY A 74 -47.24 8.35 10.28
N VAL A 75 -47.41 7.50 9.28
CA VAL A 75 -47.38 6.07 9.50
C VAL A 75 -46.11 5.55 8.85
N LYS A 76 -45.55 4.48 9.41
CA LYS A 76 -44.31 3.93 8.91
C LYS A 76 -44.69 2.57 8.35
N TYR A 77 -44.43 2.35 7.05
CA TYR A 77 -44.72 1.06 6.40
C TYR A 77 -43.45 0.27 6.05
N ALA A 78 -42.28 0.85 6.28
CA ALA A 78 -41.00 0.12 6.15
C ALA A 78 -39.84 0.85 6.82
N THR A 79 -38.88 0.11 7.37
CA THR A 79 -37.68 0.72 7.97
C THR A 79 -36.47 0.36 7.15
N CYS A 80 -35.71 1.38 6.76
CA CYS A 80 -34.55 1.19 5.90
C CYS A 80 -33.27 1.46 6.68
N GLN A 81 -32.23 0.70 6.37
CA GLN A 81 -30.93 0.84 7.06
C GLN A 81 -29.80 1.34 6.16
N PHE A 82 -29.11 2.38 6.61
CA PHE A 82 -28.02 2.97 5.83
C PHE A 82 -26.76 2.15 6.01
N GLN A 83 -26.13 1.80 4.91
CA GLN A 83 -24.86 1.08 4.95
C GLN A 83 -23.85 1.80 4.09
N ALA A 84 -23.07 2.65 4.73
CA ALA A 84 -22.16 3.44 3.96
C ALA A 84 -21.01 2.56 3.46
N GLY A 85 -20.60 2.82 2.23
CA GLY A 85 -19.43 2.19 1.65
C GLY A 85 -18.19 2.69 2.36
N GLU A 86 -18.05 4.01 2.44
CA GLU A 86 -16.87 4.63 3.04
C GLU A 86 -15.63 4.06 2.32
N GLU A 87 -14.70 3.49 3.08
CA GLU A 87 -13.52 2.86 2.51
C GLU A 87 -13.65 1.34 2.41
N PHE A 88 -14.76 0.80 2.92
CA PHE A 88 -15.02 -0.63 2.91
C PHE A 88 -15.38 -1.11 1.49
N MET A 89 -16.21 -0.34 0.80
CA MET A 89 -16.64 -0.71 -0.55
C MET A 89 -16.81 0.50 -1.48
N THR A 90 -17.10 0.25 -2.76
CA THR A 90 -17.30 1.34 -3.71
C THR A 90 -18.72 1.87 -3.75
N PHE A 91 -19.63 1.13 -3.12
CA PHE A 91 -21.06 1.44 -3.16
C PHE A 91 -21.62 1.55 -1.75
N SER A 92 -22.79 2.16 -1.62
CA SER A 92 -23.55 2.12 -0.38
C SER A 92 -24.88 1.46 -0.71
N THR A 93 -25.59 1.00 0.32
CA THR A 93 -26.90 0.37 0.14
C THR A 93 -27.90 0.85 1.16
N LEU A 94 -29.17 0.56 0.86
CA LEU A 94 -30.26 0.69 1.78
C LEU A 94 -30.90 -0.68 1.97
N THR A 95 -30.67 -1.31 3.11
CA THR A 95 -31.32 -2.60 3.43
C THR A 95 -32.60 -2.35 4.21
N CYS A 96 -33.73 -2.61 3.57
CA CYS A 96 -35.02 -2.28 4.15
C CYS A 96 -35.82 -3.50 4.60
N THR A 97 -36.84 -3.23 5.41
CA THR A 97 -37.74 -4.27 5.92
C THR A 97 -39.18 -3.78 6.00
N VAL A 98 -40.11 -4.58 5.52
CA VAL A 98 -41.52 -4.20 5.53
C VAL A 98 -42.07 -4.23 6.97
N SER A 99 -42.83 -3.20 7.33
CA SER A 99 -43.42 -3.08 8.65
C SER A 99 -44.76 -3.78 8.70
N ASN A 100 -45.26 -4.00 9.91
CA ASN A 100 -46.46 -4.81 10.15
C ASN A 100 -47.74 -4.09 9.83
N THR A 101 -47.63 -2.81 9.49
CA THR A 101 -48.78 -2.02 9.09
C THR A 101 -49.27 -2.31 7.66
N LEU A 102 -48.38 -2.80 6.80
CA LEU A 102 -48.73 -3.04 5.41
C LEU A 102 -49.56 -4.32 5.28
N THR A 103 -50.86 -4.19 5.54
CA THR A 103 -51.81 -5.31 5.43
C THR A 103 -52.12 -5.52 3.95
N PRO A 104 -52.57 -6.72 3.59
CA PRO A 104 -53.02 -6.99 2.23
C PRO A 104 -53.76 -5.80 1.64
N SER A 105 -54.74 -5.25 2.35
CA SER A 105 -55.54 -4.14 1.82
C SER A 105 -54.71 -2.90 1.44
N ILE A 106 -53.76 -2.51 2.30
CA ILE A 106 -53.01 -1.27 2.15
C ILE A 106 -52.00 -1.21 0.98
N LYS A 107 -52.07 -0.13 0.20
CA LYS A 107 -51.04 0.17 -0.80
C LYS A 107 -50.46 1.54 -0.47
N ALA A 108 -49.15 1.60 -0.22
CA ALA A 108 -48.52 2.87 0.16
C ALA A 108 -47.61 3.36 -0.95
N LEU A 109 -47.68 4.67 -1.23
CA LEU A 109 -46.82 5.33 -2.20
C LEU A 109 -46.12 6.51 -1.56
N GLY A 110 -45.06 6.98 -2.19
CA GLY A 110 -44.53 8.27 -1.83
C GLY A 110 -43.11 8.47 -2.29
N THR A 111 -42.44 9.44 -1.68
CA THR A 111 -41.06 9.75 -2.00
C THR A 111 -40.22 9.66 -0.74
N VAL A 112 -38.91 9.48 -0.93
CA VAL A 112 -37.96 9.58 0.18
C VAL A 112 -36.77 10.40 -0.28
N THR A 113 -36.25 11.24 0.61
CA THR A 113 -35.11 12.08 0.30
C THR A 113 -33.89 11.60 1.08
N LEU A 114 -32.75 11.60 0.41
CA LEU A 114 -31.55 10.97 0.95
C LEU A 114 -30.31 11.84 0.75
N PRO A 115 -29.76 12.36 1.84
CA PRO A 115 -28.57 13.20 1.75
C PRO A 115 -27.34 12.36 1.47
N LEU A 116 -26.75 12.49 0.29
CA LEU A 116 -25.64 11.63 -0.09
C LEU A 116 -24.46 12.37 -0.72
N VAL A 117 -23.25 11.94 -0.35
CA VAL A 117 -22.02 12.43 -0.95
C VAL A 117 -21.39 11.29 -1.73
N PHE A 118 -20.84 11.61 -2.90
CA PHE A 118 -20.20 10.61 -3.75
C PHE A 118 -18.72 10.47 -3.42
N ASN A 119 -18.10 9.41 -3.94
CA ASN A 119 -16.69 9.16 -3.70
C ASN A 119 -15.85 9.36 -4.96
N VAL A 120 -15.27 10.49 -5.21
CA VAL A 120 -14.66 10.55 -6.48
C VAL A 120 -13.20 10.40 -6.32
N GLY A 121 -12.77 9.79 -5.24
CA GLY A 121 -11.38 9.52 -5.04
C GLY A 121 -10.99 10.09 -3.75
N GLY A 122 -9.72 10.00 -3.39
CA GLY A 122 -9.25 10.54 -2.13
C GLY A 122 -8.16 9.86 -1.33
N THR A 123 -7.83 8.65 -1.74
CA THR A 123 -6.82 7.84 -1.09
C THR A 123 -6.38 6.78 -2.09
N GLY A 124 -5.33 6.06 -1.75
CA GLY A 124 -4.82 5.05 -2.66
C GLY A 124 -5.61 3.76 -2.61
N SER A 125 -6.46 3.63 -1.59
CA SER A 125 -7.29 2.44 -1.42
C SER A 125 -7.93 2.02 -2.73
N SER A 126 -7.97 0.72 -2.99
CA SER A 126 -8.57 0.20 -4.22
C SER A 126 -9.95 0.82 -4.42
N VAL A 127 -10.63 1.08 -3.31
CA VAL A 127 -12.00 1.60 -3.33
C VAL A 127 -12.08 3.00 -3.95
N ASP A 128 -11.33 3.95 -3.41
CA ASP A 128 -11.35 5.32 -3.94
C ASP A 128 -10.73 5.37 -5.32
N LEU A 129 -9.75 4.51 -5.57
CA LEU A 129 -9.08 4.54 -6.85
C LEU A 129 -10.01 4.12 -7.99
N GLU A 130 -10.87 3.14 -7.72
CA GLU A 130 -11.84 2.74 -8.74
C GLU A 130 -12.89 3.82 -8.88
N ASP A 131 -13.35 4.33 -7.75
CA ASP A 131 -14.42 5.33 -7.73
C ASP A 131 -13.94 6.68 -8.25
N SER A 132 -12.63 6.83 -8.44
CA SER A 132 -12.08 8.07 -8.98
C SER A 132 -12.28 8.19 -10.48
N LYS A 133 -12.70 7.10 -11.13
CA LYS A 133 -13.02 7.14 -12.56
C LYS A 133 -14.51 6.89 -12.72
N CYS A 134 -15.31 7.20 -11.70
CA CYS A 134 -16.74 6.95 -11.77
C CYS A 134 -17.54 8.08 -12.46
N PHE A 135 -17.21 9.34 -12.16
CA PHE A 135 -17.82 10.51 -12.80
C PHE A 135 -16.78 11.48 -13.39
N THR A 136 -17.25 12.38 -14.24
CA THR A 136 -16.41 13.44 -14.78
C THR A 136 -17.19 14.73 -14.68
N ALA A 137 -16.53 15.86 -14.84
CA ALA A 137 -17.26 17.12 -14.78
C ALA A 137 -18.29 17.15 -15.90
N GLY A 138 -19.28 18.02 -15.79
CA GLY A 138 -20.32 18.18 -16.80
C GLY A 138 -21.53 17.29 -16.54
N THR A 139 -22.26 16.95 -17.61
CA THR A 139 -23.50 16.18 -17.47
C THR A 139 -23.25 14.68 -17.33
N ASN A 140 -23.68 14.13 -16.20
CA ASN A 140 -23.46 12.74 -15.82
C ASN A 140 -24.76 12.02 -15.56
N THR A 141 -24.75 10.72 -15.79
CA THR A 141 -25.89 9.88 -15.49
C THR A 141 -25.60 9.05 -14.26
N VAL A 142 -26.46 9.19 -13.25
CA VAL A 142 -26.34 8.48 -11.99
C VAL A 142 -27.42 7.41 -11.91
N THR A 143 -27.01 6.19 -11.61
CA THR A 143 -27.92 5.05 -11.61
C THR A 143 -27.84 4.27 -10.32
N PHE A 144 -28.99 4.06 -9.69
CA PHE A 144 -29.10 3.15 -8.57
C PHE A 144 -29.78 1.85 -8.99
N ASN A 145 -29.61 0.80 -8.19
CA ASN A 145 -30.24 -0.50 -8.48
C ASN A 145 -31.19 -1.05 -7.40
N ASP A 146 -32.16 -1.84 -7.84
CA ASP A 146 -33.10 -2.53 -7.00
C ASP A 146 -33.23 -3.97 -7.45
N GLY A 147 -32.13 -4.60 -7.78
CA GLY A 147 -32.06 -6.05 -7.92
C GLY A 147 -32.15 -6.57 -9.35
N GLY A 148 -31.44 -5.88 -10.25
CA GLY A 148 -31.66 -5.97 -11.70
C GLY A 148 -32.47 -4.84 -12.33
N LYS A 149 -33.31 -4.17 -11.52
CA LYS A 149 -34.20 -3.09 -11.94
C LYS A 149 -33.64 -1.71 -11.55
N LYS A 150 -33.18 -0.98 -12.57
CA LYS A 150 -32.39 0.24 -12.36
C LYS A 150 -33.23 1.50 -12.41
N ILE A 151 -32.75 2.53 -11.72
CA ILE A 151 -33.35 3.87 -11.81
C ILE A 151 -32.24 4.91 -12.03
N SER A 152 -32.38 5.71 -13.09
CA SER A 152 -31.32 6.64 -13.47
C SER A 152 -31.80 8.07 -13.54
N ILE A 153 -30.85 8.99 -13.52
CA ILE A 153 -31.16 10.41 -13.61
C ILE A 153 -29.90 11.10 -14.12
N ASN A 154 -30.07 12.26 -14.76
CA ASN A 154 -28.93 13.07 -15.20
C ASN A 154 -28.68 14.24 -14.27
N VAL A 155 -27.42 14.63 -14.12
CA VAL A 155 -27.04 15.69 -13.20
C VAL A 155 -25.75 16.36 -13.66
N ASP A 156 -25.64 17.67 -13.43
CA ASP A 156 -24.45 18.42 -13.84
C ASP A 156 -23.46 18.51 -12.68
N PHE A 157 -22.23 18.10 -12.92
CA PHE A 157 -21.14 18.20 -11.95
C PHE A 157 -20.11 19.22 -12.43
N GLU A 158 -19.58 20.00 -11.49
CA GLU A 158 -18.55 20.98 -11.79
C GLU A 158 -17.23 20.45 -11.32
N ARG A 159 -16.16 20.78 -12.05
CA ARG A 159 -14.79 20.45 -11.63
C ARG A 159 -14.38 21.28 -10.41
N SER A 160 -13.17 21.07 -9.92
CA SER A 160 -12.64 21.89 -8.82
C SER A 160 -12.10 23.23 -9.30
N ASN A 161 -12.33 24.27 -8.49
CA ASN A 161 -11.77 25.59 -8.73
C ASN A 161 -10.28 25.69 -8.35
N VAL A 162 -9.82 24.81 -7.47
CA VAL A 162 -8.40 24.78 -7.10
C VAL A 162 -7.54 24.36 -8.30
N ASP A 163 -6.55 25.20 -8.60
CA ASP A 163 -5.69 24.99 -9.75
C ASP A 163 -4.74 23.86 -9.42
N PRO A 164 -4.73 22.81 -10.27
CA PRO A 164 -3.97 21.58 -10.01
C PRO A 164 -2.46 21.65 -10.26
N LYS A 165 -1.89 22.84 -10.28
CA LYS A 165 -0.46 23.03 -10.46
C LYS A 165 0.26 23.24 -9.16
N GLY A 166 -0.50 23.62 -8.14
CA GLY A 166 0.04 23.84 -6.84
C GLY A 166 -0.11 22.61 -5.98
N TYR A 167 0.18 22.79 -4.71
CA TYR A 167 -0.07 21.76 -3.72
C TYR A 167 -1.57 21.65 -3.46
N LEU A 168 -2.03 20.41 -3.25
CA LEU A 168 -3.46 20.10 -3.17
C LEU A 168 -3.73 19.27 -1.92
N THR A 169 -4.67 19.74 -1.11
CA THR A 169 -5.12 18.98 0.06
C THR A 169 -6.61 18.92 0.17
N ASP A 170 -7.09 17.83 0.74
CA ASP A 170 -8.50 17.64 0.98
C ASP A 170 -8.62 16.82 2.25
N SER A 171 -9.84 16.62 2.70
CA SER A 171 -10.06 15.84 3.88
C SER A 171 -11.48 15.28 3.87
N ARG A 172 -11.69 14.14 4.50
CA ARG A 172 -13.01 13.55 4.51
C ARG A 172 -13.22 12.56 5.64
N VAL A 173 -14.34 12.79 6.33
CA VAL A 173 -14.63 12.13 7.60
C VAL A 173 -15.06 10.69 7.34
N ILE A 174 -14.56 9.78 8.16
CA ILE A 174 -15.02 8.42 8.16
C ILE A 174 -15.67 8.11 9.51
N PRO A 175 -16.99 8.17 9.55
CA PRO A 175 -17.69 7.91 10.80
C PRO A 175 -17.58 6.51 11.43
N SER A 176 -17.54 5.44 10.63
CA SER A 176 -17.53 4.08 11.18
C SER A 176 -16.24 3.75 11.94
N LEU A 177 -15.20 4.57 11.78
CA LEU A 177 -13.98 4.42 12.57
C LEU A 177 -13.66 5.64 13.46
N ASN A 178 -14.52 6.64 13.42
CA ASN A 178 -14.25 7.95 14.03
C ASN A 178 -12.92 8.49 13.49
N LYS A 179 -12.67 8.29 12.20
CA LYS A 179 -11.41 8.76 11.60
C LYS A 179 -11.63 9.71 10.43
N VAL A 180 -10.74 10.68 10.28
CA VAL A 180 -10.82 11.62 9.17
C VAL A 180 -9.68 11.23 8.26
N SER A 181 -9.94 11.11 6.97
CA SER A 181 -8.92 10.75 6.01
C SER A 181 -8.46 12.05 5.35
N THR A 182 -7.16 12.36 5.41
CA THR A 182 -6.65 13.56 4.72
C THR A 182 -5.68 13.21 3.59
N LEU A 183 -5.50 14.13 2.65
CA LEU A 183 -4.65 13.92 1.48
C LEU A 183 -3.70 15.08 1.22
N PHE A 184 -2.52 14.74 0.71
CA PHE A 184 -1.53 15.73 0.35
C PHE A 184 -0.86 15.33 -0.96
N VAL A 185 -0.85 16.27 -1.91
CA VAL A 185 -0.27 16.06 -3.22
C VAL A 185 0.65 17.23 -3.50
N ALA A 186 1.92 16.94 -3.77
CA ALA A 186 2.91 18.01 -3.90
C ALA A 186 2.65 18.83 -5.17
N PRO A 187 3.16 20.08 -5.24
CA PRO A 187 2.97 20.88 -6.45
C PRO A 187 3.51 20.23 -7.71
N GLN A 188 2.94 20.59 -8.85
CA GLN A 188 3.23 19.92 -10.12
C GLN A 188 4.59 20.28 -10.72
N CYS A 189 5.46 19.27 -10.79
CA CYS A 189 6.72 19.38 -11.52
C CYS A 189 6.55 18.70 -12.86
N ALA A 190 6.13 19.48 -13.86
CA ALA A 190 5.72 18.95 -15.18
C ALA A 190 6.69 17.94 -15.80
N ASN A 191 7.98 18.11 -15.57
CA ASN A 191 8.99 17.25 -16.18
C ASN A 191 9.53 16.17 -15.26
N GLY A 192 8.98 16.10 -14.05
CA GLY A 192 9.40 15.11 -13.07
C GLY A 192 10.07 15.73 -11.88
N TYR A 193 10.32 14.91 -10.87
CA TYR A 193 10.88 15.36 -9.58
C TYR A 193 12.28 14.77 -9.34
N THR A 194 13.23 15.64 -8.99
CA THR A 194 14.58 15.20 -8.71
C THR A 194 14.62 14.65 -7.28
N SER A 195 14.20 15.49 -6.34
CA SER A 195 14.19 15.19 -4.91
C SER A 195 12.95 15.84 -4.36
N GLY A 196 12.75 15.71 -3.06
CA GLY A 196 11.69 16.42 -2.38
C GLY A 196 11.36 15.69 -1.09
N THR A 197 10.67 16.42 -0.22
CA THR A 197 10.13 15.90 1.02
C THR A 197 8.68 16.39 1.13
N MET A 198 7.84 15.62 1.79
CA MET A 198 6.43 15.98 1.91
C MET A 198 5.72 15.13 2.97
N GLY A 199 4.86 15.79 3.75
CA GLY A 199 4.09 15.11 4.77
C GLY A 199 3.27 16.10 5.54
N PHE A 200 2.62 15.62 6.59
CA PHE A 200 1.90 16.49 7.51
C PHE A 200 1.97 15.98 8.95
N ALA A 201 2.08 16.90 9.89
CA ALA A 201 2.12 16.53 11.28
C ALA A 201 0.98 17.21 11.96
N ASN A 202 0.73 16.77 13.18
CA ASN A 202 -0.31 17.33 14.00
C ASN A 202 0.06 18.72 14.46
N THR A 203 -0.85 19.38 15.19
CA THR A 203 -0.57 20.69 15.77
C THR A 203 -1.20 20.77 17.15
N TYR A 204 -0.40 21.05 18.18
CA TYR A 204 -0.93 21.17 19.54
C TYR A 204 -1.62 19.93 20.17
N GLY A 205 -1.13 18.74 19.83
CA GLY A 205 -1.54 17.51 20.51
C GLY A 205 -2.95 17.00 20.31
N ASP A 206 -3.73 17.63 19.43
CA ASP A 206 -5.09 17.11 19.20
C ASP A 206 -5.16 16.07 18.12
N VAL A 207 -4.27 16.18 17.12
CA VAL A 207 -4.24 15.21 16.04
C VAL A 207 -3.25 14.08 16.30
N GLN A 208 -3.64 12.88 15.88
CA GLN A 208 -2.75 11.72 15.88
C GLN A 208 -2.85 11.10 14.52
N ILE A 209 -1.72 10.64 13.99
CA ILE A 209 -1.69 9.81 12.76
C ILE A 209 -1.79 8.27 12.94
N ASP A 210 -2.70 7.62 12.20
CA ASP A 210 -2.86 6.17 12.27
C ASP A 210 -1.83 5.58 11.32
N CYS A 211 -0.68 5.20 11.87
CA CYS A 211 0.46 4.77 11.08
C CYS A 211 0.10 3.58 10.22
N SER A 212 -0.71 2.68 10.77
CA SER A 212 -1.13 1.49 10.04
C SER A 212 -1.75 1.86 8.69
N ASN A 213 -2.58 2.91 8.71
CA ASN A 213 -3.42 3.24 7.57
C ASN A 213 -2.94 4.46 6.80
N ILE A 214 -1.86 4.23 6.06
CA ILE A 214 -1.29 5.25 5.19
C ILE A 214 -1.31 4.76 3.76
N HIS A 215 -1.14 5.68 2.84
CA HIS A 215 -0.89 5.33 1.45
C HIS A 215 0.12 6.31 0.94
N VAL A 216 1.13 5.79 0.27
CA VAL A 216 2.13 6.61 -0.40
C VAL A 216 2.34 6.08 -1.80
N GLY A 217 2.28 6.95 -2.79
CA GLY A 217 2.35 6.54 -4.17
C GLY A 217 2.45 7.72 -5.11
N ILE A 218 2.57 7.42 -6.40
CA ILE A 218 2.50 8.44 -7.45
C ILE A 218 1.33 8.25 -8.41
N THR A 219 0.67 9.35 -8.72
CA THR A 219 -0.46 9.36 -9.66
C THR A 219 -0.17 9.87 -11.05
N LYS A 220 -0.62 9.14 -12.06
CA LYS A 220 -0.38 9.54 -13.45
C LYS A 220 -1.50 10.51 -13.82
N GLY A 221 -1.33 11.77 -13.44
CA GLY A 221 -2.34 12.79 -13.69
C GLY A 221 -3.42 12.72 -12.63
N LEU A 222 -4.47 13.53 -12.79
CA LEU A 222 -5.56 13.59 -11.82
C LEU A 222 -6.94 13.62 -12.48
N ASN A 223 -7.97 13.30 -11.69
CA ASN A 223 -9.36 13.44 -12.13
C ASN A 223 -9.90 14.86 -11.87
N ASP A 224 -11.13 15.13 -12.29
CA ASP A 224 -11.66 16.51 -12.32
C ASP A 224 -11.75 17.22 -10.97
N TRP A 225 -11.60 16.46 -9.89
CA TRP A 225 -11.65 17.03 -8.55
C TRP A 225 -10.33 16.83 -7.82
N ASN A 226 -9.24 16.92 -8.57
CA ASN A 226 -7.89 16.92 -8.04
C ASN A 226 -7.60 15.73 -7.12
N TYR A 227 -8.08 14.55 -7.49
CA TYR A 227 -7.79 13.34 -6.74
C TYR A 227 -6.98 12.40 -7.60
N PRO A 228 -6.16 11.53 -6.97
CA PRO A 228 -5.39 10.48 -7.64
C PRO A 228 -6.25 9.56 -8.50
N VAL A 229 -5.74 9.18 -9.68
CA VAL A 229 -6.43 8.20 -10.53
C VAL A 229 -5.76 6.82 -10.46
N SER A 230 -4.51 6.76 -9.98
CA SER A 230 -3.81 5.49 -9.81
C SER A 230 -2.62 5.62 -8.88
N SER A 231 -2.33 4.57 -8.11
CA SER A 231 -1.20 4.60 -7.19
C SER A 231 -0.08 3.60 -7.53
N GLU A 232 1.02 4.09 -8.11
CA GLU A 232 2.20 3.24 -8.35
C GLU A 232 3.16 3.45 -7.19
N SER A 233 4.30 2.76 -7.24
CA SER A 233 5.35 2.90 -6.23
C SER A 233 6.56 3.54 -6.88
N PHE A 234 7.43 4.09 -6.04
CA PHE A 234 8.56 4.91 -6.50
C PHE A 234 9.57 4.98 -5.35
N SER A 235 10.65 5.75 -5.52
CA SER A 235 11.77 5.66 -4.61
C SER A 235 11.82 6.55 -3.38
N TYR A 236 11.06 6.21 -2.36
CA TYR A 236 11.05 6.98 -1.10
C TYR A 236 11.43 6.30 0.21
N THR A 237 11.70 7.11 1.22
CA THR A 237 12.00 6.61 2.55
C THR A 237 10.93 7.15 3.47
N LYS A 238 10.51 6.36 4.44
CA LYS A 238 9.27 6.61 5.15
C LYS A 238 9.44 6.69 6.66
N THR A 239 9.03 7.83 7.22
CA THR A 239 9.06 8.05 8.65
C THR A 239 7.65 8.36 9.12
N CYS A 240 7.17 7.62 10.09
CA CYS A 240 5.77 7.73 10.47
C CYS A 240 5.56 7.42 11.94
N SER A 241 4.96 8.37 12.65
CA SER A 241 4.65 8.17 14.05
C SER A 241 3.19 8.55 14.18
N SER A 242 2.69 8.33 15.39
CA SER A 242 1.37 8.83 15.75
C SER A 242 1.38 10.35 15.78
N ASN A 243 2.55 10.96 15.70
CA ASN A 243 2.67 12.42 15.67
C ASN A 243 2.46 13.03 14.28
N GLY A 244 3.00 12.36 13.25
CA GLY A 244 3.04 12.90 11.88
C GLY A 244 3.83 12.01 10.91
N ILE A 245 3.42 12.02 9.65
CA ILE A 245 3.96 11.14 8.63
C ILE A 245 4.67 11.95 7.54
N PHE A 246 5.90 11.54 7.23
CA PHE A 246 6.71 12.23 6.24
C PHE A 246 7.42 11.25 5.34
N ILE A 247 7.61 11.63 4.09
CA ILE A 247 8.42 10.83 3.17
C ILE A 247 9.47 11.71 2.52
N THR A 248 10.62 11.11 2.19
CA THR A 248 11.62 11.77 1.36
C THR A 248 11.75 10.89 0.13
N TYR A 249 11.45 11.44 -1.03
CA TYR A 249 11.42 10.66 -2.25
C TYR A 249 12.52 11.06 -3.20
N LYS A 250 12.78 10.22 -4.18
CA LYS A 250 13.66 10.43 -5.29
C LYS A 250 13.32 9.80 -6.61
N ASN A 251 13.88 10.27 -7.72
CA ASN A 251 13.72 9.61 -9.02
C ASN A 251 12.31 9.48 -9.65
N VAL A 252 11.46 10.48 -9.45
CA VAL A 252 10.21 10.61 -10.19
C VAL A 252 10.19 10.83 -11.69
N PRO A 253 9.15 10.34 -12.36
CA PRO A 253 9.04 10.47 -13.81
C PRO A 253 8.06 11.57 -14.21
N ALA A 254 8.26 12.15 -15.39
CA ALA A 254 7.40 13.21 -15.89
C ALA A 254 5.97 12.70 -16.10
N GLY A 255 5.00 13.45 -15.60
CA GLY A 255 3.59 13.13 -15.75
C GLY A 255 2.98 12.50 -14.52
N TYR A 256 3.78 12.39 -13.46
CA TYR A 256 3.38 11.71 -12.23
C TYR A 256 3.38 12.65 -11.03
N ARG A 257 2.39 12.49 -10.16
CA ARG A 257 2.32 13.32 -8.97
C ARG A 257 2.40 12.47 -7.71
N PRO A 258 3.38 12.75 -6.84
CA PRO A 258 3.54 12.02 -5.59
C PRO A 258 2.52 12.45 -4.54
N PHE A 259 1.96 11.49 -3.81
CA PHE A 259 0.98 11.80 -2.79
C PHE A 259 1.15 10.97 -1.54
N VAL A 260 0.61 11.45 -0.42
CA VAL A 260 0.59 10.69 0.82
C VAL A 260 -0.74 10.92 1.56
N ASP A 261 -1.42 9.84 1.94
CA ASP A 261 -2.73 9.97 2.62
C ASP A 261 -2.83 9.01 3.77
N ALA A 262 -3.52 9.42 4.82
CA ALA A 262 -3.55 8.66 6.07
C ALA A 262 -4.77 8.97 6.91
N TYR A 263 -5.14 7.99 7.73
CA TYR A 263 -6.23 8.13 8.67
C TYR A 263 -5.70 8.86 9.91
N ILE A 264 -6.53 9.76 10.45
CA ILE A 264 -6.20 10.50 11.68
C ILE A 264 -7.38 10.58 12.66
N SER A 265 -7.07 10.86 13.93
CA SER A 265 -8.09 11.16 14.95
C SER A 265 -7.75 12.52 15.53
N ALA A 266 -8.65 13.49 15.33
CA ALA A 266 -8.53 14.83 15.91
C ALA A 266 -9.62 15.06 16.95
N THR A 267 -9.34 15.91 17.93
CA THR A 267 -10.24 16.02 19.09
C THR A 267 -11.64 16.44 18.68
N ASP A 268 -11.75 17.62 18.10
CA ASP A 268 -12.95 18.01 17.37
C ASP A 268 -12.69 17.84 15.88
N VAL A 269 -13.35 16.87 15.28
CA VAL A 269 -13.17 16.57 13.85
C VAL A 269 -13.67 17.69 12.93
N ASN A 270 -14.43 18.64 13.47
CA ASN A 270 -14.93 19.77 12.67
C ASN A 270 -14.08 21.02 12.86
N SER A 271 -12.92 20.87 13.49
CA SER A 271 -11.99 21.98 13.64
C SER A 271 -10.73 21.26 14.11
N TYR A 272 -9.66 21.42 13.36
CA TYR A 272 -8.33 20.89 13.73
C TYR A 272 -7.31 21.60 12.81
N THR A 273 -6.04 21.49 13.14
CA THR A 273 -4.98 22.06 12.31
C THR A 273 -3.85 21.07 12.05
N LEU A 274 -3.32 21.09 10.83
CA LEU A 274 -2.15 20.30 10.45
C LEU A 274 -1.02 21.11 9.85
N SER A 275 0.21 20.68 10.11
CA SER A 275 1.39 21.36 9.58
C SER A 275 2.00 20.52 8.47
N TYR A 276 2.15 21.11 7.29
CA TYR A 276 2.59 20.39 6.10
C TYR A 276 4.03 20.74 5.72
N ALA A 277 4.85 19.71 5.52
CA ALA A 277 6.20 19.88 4.98
C ALA A 277 6.11 19.93 3.47
N ASN A 278 6.96 20.75 2.84
CA ASN A 278 6.89 20.92 1.41
C ASN A 278 8.26 21.37 0.90
N GLU A 279 9.11 20.44 0.47
CA GLU A 279 10.24 20.80 -0.42
C GLU A 279 10.02 20.11 -1.74
N TYR A 280 10.40 20.75 -2.81
CA TYR A 280 10.58 20.03 -4.05
C TYR A 280 11.67 20.64 -4.89
N THR A 281 12.48 19.74 -5.42
CA THR A 281 13.46 20.10 -6.40
C THR A 281 13.01 19.45 -7.72
N CYS A 282 12.45 20.26 -8.63
CA CYS A 282 12.01 19.76 -9.94
C CYS A 282 13.22 19.29 -10.77
N ALA A 283 12.88 18.56 -11.83
CA ALA A 283 13.82 18.21 -12.86
C ALA A 283 14.10 19.47 -13.69
N GLY A 284 15.00 20.28 -13.15
CA GLY A 284 15.11 21.67 -13.58
C GLY A 284 15.65 22.62 -12.53
N GLY A 285 16.09 22.09 -11.40
CA GLY A 285 16.86 22.88 -10.44
C GLY A 285 16.02 23.66 -9.45
N TYR A 286 14.73 23.86 -9.74
CA TYR A 286 13.86 24.74 -8.95
C TYR A 286 13.59 24.19 -7.54
N TRP A 287 14.62 24.29 -6.70
CA TRP A 287 14.51 23.80 -5.33
C TRP A 287 13.85 24.92 -4.54
N GLN A 288 12.83 24.55 -3.78
CA GLN A 288 12.05 25.51 -3.02
C GLN A 288 11.40 24.82 -1.83
N ARG A 289 11.65 25.32 -0.63
CA ARG A 289 11.18 24.71 0.61
C ARG A 289 10.12 25.66 1.20
N ALA A 290 8.85 25.28 1.10
CA ALA A 290 7.70 26.15 1.40
C ALA A 290 6.66 25.52 2.34
N PRO A 291 7.05 25.25 3.59
CA PRO A 291 6.12 24.62 4.53
C PRO A 291 4.91 25.52 4.83
N PHE A 292 3.82 24.95 5.32
CA PHE A 292 2.64 25.72 5.72
C PHE A 292 1.77 25.00 6.75
N THR A 293 0.77 25.69 7.27
CA THR A 293 -0.21 25.12 8.19
C THR A 293 -1.60 25.37 7.66
N LEU A 294 -2.49 24.38 7.78
CA LEU A 294 -3.85 24.51 7.23
C LEU A 294 -4.88 24.00 8.26
N ARG A 295 -5.96 24.76 8.38
CA ARG A 295 -7.03 24.44 9.36
C ARG A 295 -8.18 23.82 8.61
N TRP A 296 -8.81 22.84 9.23
CA TRP A 296 -9.82 22.05 8.61
C TRP A 296 -11.08 21.98 9.47
N THR A 297 -12.23 22.27 8.86
CA THR A 297 -13.45 22.57 9.60
C THR A 297 -14.59 21.57 9.29
N GLY A 298 -15.82 22.00 9.54
CA GLY A 298 -16.96 21.10 9.44
C GLY A 298 -18.01 21.28 8.38
N PHE A 299 -18.72 20.18 8.13
CA PHE A 299 -19.83 20.08 7.26
C PHE A 299 -21.07 20.16 8.08
N ARG A 300 -22.15 20.48 7.41
CA ARG A 300 -23.47 20.79 7.92
C ARG A 300 -24.42 19.64 7.59
N ASN A 301 -24.72 18.82 8.60
CA ASN A 301 -25.52 17.63 8.38
C ASN A 301 -26.94 17.93 7.91
N SER A 302 -27.51 16.98 7.18
CA SER A 302 -28.88 17.13 6.69
C SER A 302 -29.71 15.97 7.24
N ASP A 303 -31.00 15.96 6.88
CA ASP A 303 -31.95 15.01 7.40
C ASP A 303 -32.44 14.12 6.27
N ALA A 304 -32.79 12.88 6.60
CA ALA A 304 -33.45 11.99 5.65
C ALA A 304 -34.88 11.85 6.11
N GLY A 305 -35.82 12.01 5.20
CA GLY A 305 -37.21 11.94 5.57
C GLY A 305 -37.98 11.39 4.40
N SER A 306 -39.25 11.08 4.63
CA SER A 306 -40.12 10.65 3.59
C SER A 306 -41.54 11.11 3.84
N ASN A 307 -42.26 11.25 2.74
CA ASN A 307 -43.68 11.54 2.78
C ASN A 307 -44.40 10.56 1.89
N GLY A 308 -45.73 10.57 1.91
CA GLY A 308 -46.45 9.61 1.09
C GLY A 308 -47.95 9.71 1.05
N ILE A 309 -48.54 8.67 0.45
CA ILE A 309 -49.98 8.60 0.22
C ILE A 309 -50.32 7.14 0.49
N VAL A 310 -51.46 6.88 1.11
CA VAL A 310 -51.91 5.50 1.30
C VAL A 310 -53.30 5.23 0.68
N ILE A 311 -53.48 4.03 0.17
CA ILE A 311 -54.75 3.63 -0.40
C ILE A 311 -55.20 2.37 0.31
N VAL A 312 -56.30 2.45 1.01
CA VAL A 312 -56.85 1.30 1.70
C VAL A 312 -57.91 0.72 0.78
N ALA A 313 -57.67 -0.49 0.28
CA ALA A 313 -58.52 -1.11 -0.75
C ALA A 313 -58.98 -2.56 -0.48
N GLY B 1 38.50 11.06 15.50
CA GLY B 1 39.23 12.16 14.79
C GLY B 1 38.79 12.27 13.33
N LYS B 2 39.56 11.65 12.44
CA LYS B 2 39.32 11.77 11.02
C LYS B 2 38.51 10.57 10.52
N THR B 3 37.99 10.66 9.29
CA THR B 3 37.16 9.61 8.72
C THR B 3 37.86 9.04 7.50
N ILE B 4 38.63 7.99 7.71
CA ILE B 4 39.54 7.53 6.67
C ILE B 4 38.76 6.75 5.62
N THR B 5 39.36 6.62 4.44
CA THR B 5 38.75 5.91 3.31
C THR B 5 39.76 4.98 2.61
N GLY B 6 39.25 3.96 1.91
CA GLY B 6 40.07 3.02 1.16
C GLY B 6 40.67 1.85 1.93
N VAL B 7 40.18 1.62 3.15
CA VAL B 7 40.65 0.51 3.95
C VAL B 7 40.32 -0.82 3.27
N PHE B 8 39.06 -1.02 2.89
CA PHE B 8 38.70 -2.17 2.07
C PHE B 8 39.05 -1.86 0.63
N ASN B 9 40.04 -2.56 0.08
CA ASN B 9 40.61 -2.15 -1.21
C ASN B 9 40.61 -3.20 -2.31
N SER B 10 39.93 -4.31 -2.09
CA SER B 10 39.87 -5.37 -3.10
C SER B 10 38.73 -6.36 -2.87
N PHE B 11 38.04 -6.72 -3.94
CA PHE B 11 36.98 -7.71 -3.86
C PHE B 11 37.60 -9.02 -4.31
N ASN B 12 38.13 -9.79 -3.36
CA ASN B 12 38.89 -10.98 -3.70
C ASN B 12 38.05 -12.13 -4.26
N SER B 13 36.90 -12.40 -3.64
CA SER B 13 36.04 -13.57 -4.00
C SER B 13 34.59 -13.34 -3.61
N LEU B 14 33.65 -13.70 -4.50
CA LEU B 14 32.22 -13.66 -4.20
C LEU B 14 31.66 -14.99 -4.68
N THR B 15 31.45 -15.90 -3.72
CA THR B 15 31.01 -17.24 -4.01
C THR B 15 29.77 -17.64 -3.19
N TRP B 16 28.97 -18.54 -3.74
CA TRP B 16 27.74 -18.96 -3.10
C TRP B 16 28.03 -20.11 -2.14
N SER B 17 27.24 -20.19 -1.08
CA SER B 17 27.23 -21.35 -0.21
C SER B 17 25.79 -21.55 0.20
N ASN B 18 25.12 -22.47 -0.51
CA ASN B 18 23.72 -22.81 -0.32
C ASN B 18 23.61 -22.94 1.20
N ALA B 19 22.61 -22.28 1.76
CA ALA B 19 22.39 -22.32 3.21
C ALA B 19 21.21 -23.21 3.56
N ALA B 20 20.51 -23.70 2.53
CA ALA B 20 19.35 -24.56 2.73
C ALA B 20 19.18 -25.45 1.50
N THR B 21 18.01 -26.04 1.36
CA THR B 21 17.72 -26.92 0.23
C THR B 21 17.24 -26.21 -1.03
N TYR B 22 17.91 -25.11 -1.37
CA TYR B 22 17.56 -24.34 -2.55
C TYR B 22 17.69 -25.18 -3.83
N ASN B 23 17.29 -24.61 -4.96
CA ASN B 23 17.36 -25.30 -6.23
C ASN B 23 18.05 -24.48 -7.30
N TYR B 24 18.54 -23.30 -6.92
CA TYR B 24 19.22 -22.41 -7.85
C TYR B 24 20.21 -21.47 -7.15
N LYS B 25 21.16 -20.96 -7.94
CA LYS B 25 22.18 -20.05 -7.44
C LYS B 25 21.78 -18.59 -7.66
N GLY B 26 20.83 -18.10 -6.86
CA GLY B 26 20.40 -16.71 -6.94
C GLY B 26 20.97 -15.83 -5.85
N PRO B 27 21.08 -14.51 -6.12
CA PRO B 27 21.55 -13.50 -5.16
C PRO B 27 20.66 -13.40 -3.93
N GLY B 28 19.36 -13.64 -4.13
CA GLY B 28 18.41 -13.64 -3.03
C GLY B 28 18.46 -14.89 -2.18
N THR B 29 19.19 -15.90 -2.65
CA THR B 29 19.38 -17.13 -1.91
C THR B 29 20.70 -17.06 -1.16
N PRO B 30 20.65 -17.24 0.17
CA PRO B 30 21.87 -17.31 0.98
C PRO B 30 22.63 -18.63 0.76
N THR B 31 23.93 -18.65 1.00
CA THR B 31 24.73 -17.54 1.52
C THR B 31 25.82 -17.14 0.51
N TRP B 32 26.02 -15.85 0.30
CA TRP B 32 27.13 -15.39 -0.54
C TRP B 32 28.26 -14.86 0.32
N ASN B 33 29.44 -15.43 0.14
CA ASN B 33 30.59 -15.06 0.92
C ASN B 33 31.40 -14.05 0.13
N ALA B 34 31.41 -12.82 0.62
CA ALA B 34 32.25 -11.77 0.07
C ALA B 34 33.57 -11.75 0.83
N VAL B 35 34.67 -12.00 0.14
CA VAL B 35 36.00 -11.86 0.73
C VAL B 35 36.62 -10.54 0.27
N LEU B 36 36.87 -9.64 1.22
CA LEU B 36 37.41 -8.32 0.90
C LEU B 36 38.77 -8.11 1.51
N GLY B 37 39.67 -7.49 0.75
CA GLY B 37 40.99 -7.13 1.28
C GLY B 37 40.92 -5.83 2.05
N TRP B 38 41.61 -5.77 3.19
CA TRP B 38 41.65 -4.56 3.99
C TRP B 38 43.09 -4.22 4.36
N SER B 39 43.36 -2.93 4.47
CA SER B 39 44.69 -2.42 4.85
C SER B 39 44.58 -1.22 5.78
N LEU B 40 45.18 -1.32 6.97
CA LEU B 40 45.24 -0.20 7.91
C LEU B 40 46.69 0.21 8.14
N ASP B 41 46.94 1.52 8.06
CA ASP B 41 48.30 2.04 8.21
C ASP B 41 48.43 3.00 9.39
N GLY B 42 49.20 2.60 10.39
CA GLY B 42 49.33 3.37 11.62
C GLY B 42 49.78 4.79 11.40
N THR B 43 50.62 5.00 10.39
CA THR B 43 51.10 6.34 10.06
C THR B 43 49.92 7.22 9.61
N SER B 44 49.01 6.61 8.86
CA SER B 44 47.94 7.35 8.18
C SER B 44 46.62 7.25 8.93
N ALA B 45 46.44 6.18 9.70
CA ALA B 45 45.22 5.94 10.47
C ALA B 45 45.57 5.90 11.96
N SER B 46 44.71 6.53 12.76
CA SER B 46 44.92 6.62 14.21
C SER B 46 43.66 6.16 14.98
N PRO B 47 43.82 5.47 16.14
CA PRO B 47 42.70 4.88 16.89
C PRO B 47 41.56 5.87 17.17
N GLY B 48 40.33 5.45 16.92
CA GLY B 48 39.16 6.33 16.99
C GLY B 48 38.59 6.69 15.62
N ASP B 49 39.48 6.79 14.63
CA ASP B 49 39.08 7.13 13.28
C ASP B 49 38.05 6.13 12.77
N THR B 50 37.23 6.57 11.81
CA THR B 50 36.11 5.80 11.31
C THR B 50 36.21 5.58 9.81
N PHE B 51 35.66 4.44 9.38
CA PHE B 51 35.44 4.20 7.96
C PHE B 51 34.18 3.37 7.76
N THR B 52 33.47 3.68 6.69
CA THR B 52 32.26 2.98 6.30
C THR B 52 32.56 2.22 5.00
N LEU B 53 31.96 1.04 4.88
CA LEU B 53 31.88 0.33 3.62
C LEU B 53 30.44 0.26 3.20
N ASN B 54 30.10 0.86 2.06
CA ASN B 54 28.73 0.87 1.57
C ASN B 54 28.51 -0.29 0.61
N MET B 55 27.42 -1.02 0.81
CA MET B 55 27.12 -2.18 -0.03
C MET B 55 25.70 -2.13 -0.58
N PRO B 56 25.54 -1.64 -1.79
CA PRO B 56 24.22 -1.60 -2.43
C PRO B 56 23.63 -2.97 -2.68
N CYS B 57 22.30 -3.09 -2.59
CA CYS B 57 21.58 -4.31 -2.94
C CYS B 57 21.85 -5.50 -2.03
N VAL B 58 22.44 -5.25 -0.86
CA VAL B 58 22.68 -6.29 0.12
C VAL B 58 21.61 -6.21 1.20
N PHE B 59 20.82 -7.28 1.32
CA PHE B 59 19.67 -7.28 2.22
C PHE B 59 20.08 -7.32 3.68
N MET B 60 20.88 -8.33 4.01
CA MET B 60 21.34 -8.56 5.35
C MET B 60 22.53 -9.51 5.37
N PHE B 61 23.20 -9.58 6.52
CA PHE B 61 24.31 -10.50 6.74
C PHE B 61 23.77 -11.77 7.41
N THR B 62 23.98 -12.91 6.75
CA THR B 62 23.45 -14.18 7.22
C THR B 62 24.27 -14.76 8.39
N THR B 63 24.36 -13.98 9.46
CA THR B 63 24.87 -14.47 10.72
C THR B 63 23.92 -14.01 11.84
N SER B 64 24.27 -14.49 13.03
CA SER B 64 23.80 -13.98 14.30
C SER B 64 24.73 -12.84 14.77
N GLN B 65 25.91 -12.73 14.16
CA GLN B 65 26.91 -11.70 14.58
C GLN B 65 26.41 -10.27 14.37
N THR B 66 26.75 -9.37 15.28
CA THR B 66 26.35 -7.96 15.13
C THR B 66 27.57 -7.17 14.67
N SER B 67 28.75 -7.76 14.78
CA SER B 67 29.97 -7.11 14.33
C SER B 67 31.08 -8.14 14.01
N VAL B 68 32.06 -7.66 13.26
CA VAL B 68 33.21 -8.45 12.83
C VAL B 68 34.44 -7.61 13.09
N ASP B 69 35.51 -8.26 13.52
CA ASP B 69 36.74 -7.56 13.84
C ASP B 69 37.76 -7.77 12.73
N LEU B 70 38.50 -6.72 12.43
CA LEU B 70 39.60 -6.79 11.49
C LEU B 70 40.78 -7.31 12.28
N THR B 71 40.91 -8.61 12.32
CA THR B 71 41.93 -9.24 13.15
C THR B 71 43.05 -9.69 12.22
N ALA B 72 44.27 -9.31 12.58
CA ALA B 72 45.50 -9.79 11.93
C ALA B 72 46.33 -10.62 12.93
N HIS B 73 46.47 -11.91 12.63
CA HIS B 73 47.29 -12.89 13.35
C HIS B 73 47.32 -12.69 14.84
N GLY B 74 46.15 -12.96 15.41
CA GLY B 74 45.90 -12.92 16.83
C GLY B 74 45.15 -11.68 17.22
N VAL B 75 45.77 -10.56 16.90
CA VAL B 75 45.44 -9.31 17.51
C VAL B 75 44.29 -8.82 16.65
N LYS B 76 43.96 -7.56 16.85
CA LYS B 76 42.68 -7.03 16.43
C LYS B 76 42.79 -5.50 16.36
N TYR B 77 42.67 -4.98 15.15
CA TYR B 77 43.04 -3.60 14.86
C TYR B 77 41.86 -2.70 14.44
N ALA B 78 40.66 -3.27 14.32
CA ALA B 78 39.44 -2.49 14.06
C ALA B 78 38.17 -3.30 14.33
N THR B 79 37.12 -2.64 14.82
CA THR B 79 35.83 -3.32 15.03
C THR B 79 34.80 -2.75 14.08
N CYS B 80 34.08 -3.64 13.39
CA CYS B 80 33.20 -3.24 12.30
C CYS B 80 31.78 -3.64 12.63
N GLN B 81 30.81 -2.76 12.35
CA GLN B 81 29.40 -2.97 12.71
C GLN B 81 28.47 -3.22 11.53
N PHE B 82 27.69 -4.31 11.62
CA PHE B 82 26.78 -4.69 10.56
C PHE B 82 25.50 -3.87 10.64
N GLN B 83 25.11 -3.29 9.51
CA GLN B 83 23.93 -2.46 9.42
C GLN B 83 23.07 -2.95 8.29
N ALA B 84 22.16 -3.86 8.57
CA ALA B 84 21.43 -4.49 7.51
C ALA B 84 20.30 -3.66 6.99
N GLY B 85 20.29 -3.46 5.67
CA GLY B 85 19.26 -2.65 5.03
C GLY B 85 17.92 -3.25 5.40
N GLU B 86 17.74 -4.54 5.08
CA GLU B 86 16.47 -5.20 5.34
C GLU B 86 15.45 -4.39 4.54
N GLU B 87 14.34 -3.99 5.18
CA GLU B 87 13.32 -3.16 4.56
C GLU B 87 13.39 -1.69 4.92
N PHE B 88 14.48 -1.32 5.58
CA PHE B 88 14.73 0.08 5.91
C PHE B 88 15.39 0.81 4.74
N MET B 89 16.37 0.19 4.10
CA MET B 89 17.09 0.81 2.99
C MET B 89 17.57 -0.22 1.96
N THR B 90 17.89 0.25 0.76
CA THR B 90 18.26 -0.64 -0.36
C THR B 90 19.66 -1.21 -0.21
N PHE B 91 20.42 -0.66 0.71
CA PHE B 91 21.82 -1.02 0.89
C PHE B 91 22.08 -1.45 2.32
N SER B 92 23.21 -2.12 2.55
CA SER B 92 23.70 -2.36 3.91
C SER B 92 25.06 -1.69 3.99
N THR B 93 25.55 -1.48 5.21
CA THR B 93 26.86 -0.88 5.42
C THR B 93 27.63 -1.60 6.49
N LEU B 94 28.92 -1.32 6.50
CA LEU B 94 29.81 -1.70 7.60
C LEU B 94 30.40 -0.46 8.21
N THR B 95 29.92 -0.07 9.38
CA THR B 95 30.51 1.08 10.07
C THR B 95 31.60 0.59 10.99
N CYS B 96 32.83 1.03 10.74
CA CYS B 96 33.98 0.52 11.48
C CYS B 96 34.69 1.59 12.29
N THR B 97 35.54 1.13 13.21
CA THR B 97 36.30 2.00 14.10
C THR B 97 37.69 1.43 14.35
N VAL B 98 38.71 2.28 14.25
CA VAL B 98 40.09 1.84 14.46
C VAL B 98 40.35 1.59 15.96
N SER B 99 41.01 0.46 16.24
CA SER B 99 41.31 0.07 17.61
C SER B 99 42.63 0.67 18.06
N ASN B 100 42.90 0.61 19.36
CA ASN B 100 44.08 1.27 19.92
C ASN B 100 45.39 0.57 19.59
N THR B 101 45.26 -0.65 19.08
CA THR B 101 46.41 -1.46 18.77
C THR B 101 47.14 -0.98 17.54
N LEU B 102 46.54 -0.07 16.77
CA LEU B 102 47.17 0.43 15.56
C LEU B 102 48.01 1.68 15.86
N THR B 103 49.23 1.45 16.33
CA THR B 103 50.16 2.53 16.63
C THR B 103 50.79 2.99 15.33
N PRO B 104 51.36 4.20 15.31
CA PRO B 104 52.07 4.70 14.12
C PRO B 104 53.23 3.83 13.64
N SER B 105 53.55 2.78 14.38
CA SER B 105 54.56 1.82 14.03
C SER B 105 54.01 0.55 13.38
N ILE B 106 52.69 0.37 13.43
CA ILE B 106 52.01 -0.85 12.91
C ILE B 106 51.25 -0.63 11.58
N LYS B 107 51.48 -1.55 10.64
CA LYS B 107 50.68 -1.60 9.42
C LYS B 107 50.04 -2.97 9.31
N ALA B 108 48.71 -3.02 9.27
CA ALA B 108 48.01 -4.31 9.25
C ALA B 108 47.34 -4.54 7.90
N LEU B 109 47.49 -5.76 7.37
CA LEU B 109 46.85 -6.17 6.12
C LEU B 109 45.98 -7.36 6.39
N GLY B 110 45.10 -7.67 5.45
CA GLY B 110 44.51 -8.99 5.46
C GLY B 110 43.22 -9.03 4.69
N THR B 111 42.44 -10.08 4.93
CA THR B 111 41.15 -10.28 4.27
C THR B 111 40.06 -10.42 5.33
N VAL B 112 38.84 -10.13 4.93
CA VAL B 112 37.68 -10.42 5.77
C VAL B 112 36.60 -11.08 4.93
N THR B 113 35.93 -12.07 5.51
CA THR B 113 34.86 -12.78 4.81
C THR B 113 33.52 -12.39 5.40
N LEU B 114 32.52 -12.24 4.57
CA LEU B 114 31.29 -11.69 5.02
C LEU B 114 30.21 -12.42 4.35
N PRO B 115 29.27 -12.94 5.13
CA PRO B 115 28.14 -13.69 4.57
C PRO B 115 26.90 -12.80 4.53
N LEU B 116 26.07 -12.98 3.52
CA LEU B 116 24.85 -12.19 3.38
C LEU B 116 23.99 -12.74 2.25
N VAL B 117 22.92 -12.02 1.95
CA VAL B 117 21.99 -12.37 0.89
C VAL B 117 21.48 -11.09 0.26
N PHE B 118 21.61 -11.00 -1.06
CA PHE B 118 21.26 -9.77 -1.78
C PHE B 118 19.75 -9.60 -1.93
N ASN B 119 19.33 -8.34 -2.00
CA ASN B 119 17.92 -8.01 -2.18
C ASN B 119 17.60 -7.85 -3.67
N VAL B 120 16.70 -8.69 -4.14
CA VAL B 120 16.28 -8.69 -5.53
C VAL B 120 14.76 -8.79 -5.61
N GLY B 121 14.08 -8.24 -4.59
CA GLY B 121 12.64 -8.22 -4.57
C GLY B 121 12.18 -9.09 -3.41
N GLY B 122 10.88 -9.08 -3.17
CA GLY B 122 10.30 -9.92 -2.11
C GLY B 122 9.17 -9.32 -1.29
N THR B 123 8.65 -8.18 -1.75
CA THR B 123 7.49 -7.51 -1.14
C THR B 123 7.18 -6.38 -2.15
N GLY B 124 6.38 -5.40 -1.73
CA GLY B 124 5.95 -4.31 -2.59
C GLY B 124 6.40 -2.98 -2.03
N SER B 125 7.30 -3.02 -1.05
CA SER B 125 7.84 -1.81 -0.50
C SER B 125 8.69 -1.16 -1.58
N SER B 126 8.91 0.15 -1.45
CA SER B 126 9.80 0.88 -2.36
C SER B 126 11.20 0.26 -2.43
N VAL B 127 11.66 -0.23 -1.27
CA VAL B 127 13.00 -0.78 -1.11
C VAL B 127 13.20 -2.02 -2.01
N ASP B 128 12.36 -3.04 -1.83
CA ASP B 128 12.49 -4.27 -2.62
C ASP B 128 12.30 -4.21 -4.10
N LEU B 129 11.34 -3.39 -4.54
CA LEU B 129 11.08 -3.22 -5.95
C LEU B 129 12.21 -2.47 -6.64
N GLU B 130 12.79 -1.51 -5.92
CA GLU B 130 13.91 -0.72 -6.45
C GLU B 130 15.02 -1.77 -6.61
N ASP B 131 15.24 -2.55 -5.56
CA ASP B 131 16.26 -3.60 -5.59
C ASP B 131 15.90 -4.80 -6.48
N SER B 132 14.67 -4.87 -6.97
CA SER B 132 14.24 -5.94 -7.86
C SER B 132 14.76 -5.74 -9.28
N LYS B 133 15.32 -4.57 -9.56
CA LYS B 133 15.91 -4.31 -10.86
C LYS B 133 17.43 -4.25 -10.77
N CYS B 134 17.97 -4.69 -9.65
CA CYS B 134 19.37 -4.45 -9.37
C CYS B 134 20.28 -5.45 -10.12
N PHE B 135 19.89 -6.72 -10.15
CA PHE B 135 20.63 -7.77 -10.89
C PHE B 135 19.75 -8.55 -11.84
N THR B 136 20.39 -9.28 -12.76
CA THR B 136 19.68 -10.17 -13.66
C THR B 136 20.43 -11.49 -13.68
N ALA B 137 19.80 -12.53 -14.20
CA ALA B 137 20.51 -13.81 -14.27
C ALA B 137 21.75 -13.65 -15.16
N GLY B 138 22.69 -14.57 -15.03
CA GLY B 138 23.93 -14.56 -15.82
C GLY B 138 25.04 -13.79 -15.14
N THR B 139 25.97 -13.27 -15.94
CA THR B 139 27.16 -12.61 -15.40
C THR B 139 26.89 -11.17 -15.01
N ASN B 140 27.09 -10.87 -13.72
CA ASN B 140 26.80 -9.57 -13.13
C ASN B 140 28.04 -8.98 -12.48
N THR B 141 28.09 -7.65 -12.44
CA THR B 141 29.14 -6.92 -11.74
C THR B 141 28.58 -6.37 -10.43
N VAL B 142 29.21 -6.76 -9.32
CA VAL B 142 28.82 -6.32 -7.98
C VAL B 142 29.86 -5.35 -7.47
N THR B 143 29.40 -4.19 -7.01
CA THR B 143 30.29 -3.13 -6.59
C THR B 143 29.94 -2.65 -5.19
N PHE B 144 30.95 -2.59 -4.35
CA PHE B 144 30.87 -2.03 -3.03
C PHE B 144 31.71 -0.77 -2.97
N ASN B 145 31.31 0.17 -2.15
CA ASN B 145 31.94 1.46 -2.13
C ASN B 145 32.47 1.75 -0.76
N ASP B 146 33.66 2.33 -0.68
CA ASP B 146 34.24 2.79 0.60
C ASP B 146 34.49 4.28 0.67
N GLY B 147 33.46 5.07 0.86
CA GLY B 147 33.58 6.49 0.76
C GLY B 147 33.88 6.88 -0.64
N GLY B 148 33.04 6.47 -1.55
CA GLY B 148 33.14 6.91 -2.90
C GLY B 148 34.24 6.28 -3.67
N LYS B 149 34.99 5.41 -3.02
CA LYS B 149 36.01 4.65 -3.68
C LYS B 149 35.40 3.32 -3.76
N LYS B 150 35.49 2.67 -4.91
CA LYS B 150 34.70 1.52 -5.24
C LYS B 150 35.53 0.33 -5.52
N ILE B 151 35.04 -0.84 -5.13
CA ILE B 151 35.64 -2.16 -5.43
C ILE B 151 34.61 -3.08 -6.08
N SER B 152 34.97 -3.67 -7.22
CA SER B 152 34.03 -4.45 -8.04
C SER B 152 34.44 -5.88 -8.24
N ILE B 153 33.47 -6.74 -8.54
CA ILE B 153 33.71 -8.15 -8.84
C ILE B 153 32.65 -8.65 -9.79
N ASN B 154 32.99 -9.65 -10.60
CA ASN B 154 32.01 -10.29 -11.50
C ASN B 154 31.58 -11.59 -10.89
N VAL B 155 30.32 -11.94 -11.09
CA VAL B 155 29.75 -13.15 -10.49
C VAL B 155 28.59 -13.67 -11.35
N ASP B 156 28.44 -14.99 -11.43
CA ASP B 156 27.35 -15.59 -12.20
C ASP B 156 26.14 -15.88 -11.31
N PHE B 157 24.98 -15.37 -11.71
CA PHE B 157 23.73 -15.61 -11.01
C PHE B 157 22.82 -16.46 -11.89
N GLU B 158 22.12 -17.40 -11.27
CA GLU B 158 21.18 -18.25 -11.98
C GLU B 158 19.74 -17.82 -11.77
N ARG B 159 18.91 -18.04 -12.79
CA ARG B 159 17.47 -17.83 -12.66
C ARG B 159 16.81 -18.77 -11.66
N SER B 160 15.52 -18.59 -11.40
CA SER B 160 14.79 -19.51 -10.52
C SER B 160 14.37 -20.70 -11.37
N ASN B 161 14.42 -21.88 -10.77
CA ASN B 161 13.94 -23.11 -11.40
C ASN B 161 12.41 -23.21 -11.37
N VAL B 162 11.77 -22.51 -10.44
CA VAL B 162 10.30 -22.50 -10.38
C VAL B 162 9.71 -21.82 -11.61
N ASP B 163 8.81 -22.53 -12.28
CA ASP B 163 8.23 -22.05 -13.51
C ASP B 163 7.24 -20.96 -13.16
N PRO B 164 7.41 -19.77 -13.77
CA PRO B 164 6.61 -18.61 -13.40
C PRO B 164 5.18 -18.57 -13.90
N LYS B 165 4.63 -19.71 -14.34
CA LYS B 165 3.25 -19.80 -14.80
C LYS B 165 2.29 -20.23 -13.68
N GLY B 166 2.86 -20.83 -12.63
CA GLY B 166 2.09 -21.31 -11.50
C GLY B 166 2.08 -20.31 -10.36
N TYR B 167 1.55 -20.76 -9.23
CA TYR B 167 1.55 -19.94 -8.02
C TYR B 167 2.97 -19.88 -7.45
N LEU B 168 3.36 -18.73 -6.91
CA LEU B 168 4.72 -18.53 -6.43
C LEU B 168 4.75 -17.97 -5.02
N THR B 169 5.51 -18.63 -4.15
CA THR B 169 5.70 -18.19 -2.78
C THR B 169 7.16 -18.19 -2.35
N ASP B 170 7.45 -17.31 -1.41
CA ASP B 170 8.77 -17.21 -0.80
C ASP B 170 8.63 -16.44 0.50
N SER B 171 9.38 -16.75 1.58
CA SER B 171 9.37 -15.92 2.81
C SER B 171 10.82 -15.67 3.19
N ARG B 172 11.05 -14.53 3.83
CA ARG B 172 12.39 -14.06 4.14
C ARG B 172 12.37 -13.36 5.49
N VAL B 173 13.28 -13.79 6.38
CA VAL B 173 13.26 -13.35 7.79
C VAL B 173 13.75 -11.93 7.83
N ILE B 174 13.14 -11.15 8.71
CA ILE B 174 13.63 -9.86 9.11
C ILE B 174 14.02 -9.82 10.59
N PRO B 175 15.32 -9.87 10.88
CA PRO B 175 15.72 -10.01 12.28
C PRO B 175 15.48 -8.77 13.16
N SER B 176 15.58 -7.57 12.59
CA SER B 176 15.47 -6.35 13.41
C SER B 176 14.05 -6.14 13.95
N LEU B 177 13.11 -6.94 13.53
CA LEU B 177 11.79 -6.86 14.07
C LEU B 177 11.30 -8.16 14.52
N ASN B 178 12.06 -9.22 14.25
CA ASN B 178 11.68 -10.57 14.66
C ASN B 178 10.40 -11.04 13.96
N LYS B 179 10.36 -10.85 12.65
CA LYS B 179 9.20 -11.25 11.85
C LYS B 179 9.60 -11.53 10.40
N VAL B 180 9.19 -12.68 9.89
CA VAL B 180 9.49 -13.06 8.51
C VAL B 180 8.46 -12.50 7.54
N SER B 181 8.93 -11.99 6.40
CA SER B 181 8.05 -11.42 5.39
C SER B 181 7.81 -12.46 4.31
N THR B 182 6.54 -12.84 4.10
CA THR B 182 6.18 -13.86 3.10
C THR B 182 5.42 -13.22 1.93
N LEU B 183 5.39 -13.91 0.79
CA LEU B 183 4.79 -13.40 -0.44
C LEU B 183 3.99 -14.48 -1.13
N PHE B 184 2.92 -14.03 -1.80
CA PHE B 184 2.09 -14.93 -2.57
C PHE B 184 1.70 -14.26 -3.89
N VAL B 185 1.89 -14.99 -4.98
CA VAL B 185 1.58 -14.50 -6.32
C VAL B 185 0.74 -15.55 -7.01
N ALA B 186 -0.44 -15.18 -7.46
CA ALA B 186 -1.38 -16.15 -8.01
C ALA B 186 -0.87 -16.69 -9.35
N PRO B 187 -1.37 -17.88 -9.78
CA PRO B 187 -0.90 -18.44 -11.07
C PRO B 187 -1.17 -17.51 -12.24
N GLN B 188 -0.36 -17.64 -13.28
CA GLN B 188 -0.42 -16.74 -14.43
C GLN B 188 -1.64 -16.93 -15.33
N CYS B 189 -2.48 -15.90 -15.37
CA CYS B 189 -3.60 -15.83 -16.30
C CYS B 189 -3.20 -14.93 -17.45
N ALA B 190 -2.56 -15.54 -18.45
CA ALA B 190 -1.92 -14.79 -19.56
C ALA B 190 -2.74 -13.64 -20.17
N ASN B 191 -4.06 -13.81 -20.21
CA ASN B 191 -4.95 -12.80 -20.78
C ASN B 191 -5.68 -11.91 -19.79
N GLY B 192 -5.36 -12.06 -18.51
CA GLY B 192 -5.94 -11.25 -17.47
C GLY B 192 -6.82 -12.07 -16.57
N TYR B 193 -7.27 -11.43 -15.51
CA TYR B 193 -8.09 -12.07 -14.50
C TYR B 193 -9.49 -11.45 -14.46
N THR B 194 -10.50 -12.30 -14.55
CA THR B 194 -11.88 -11.83 -14.46
C THR B 194 -12.21 -11.53 -13.01
N SER B 195 -11.88 -12.48 -12.15
CA SER B 195 -12.00 -12.33 -10.72
C SER B 195 -11.05 -13.28 -10.05
N GLY B 196 -11.05 -13.32 -8.73
CA GLY B 196 -10.32 -14.35 -8.01
C GLY B 196 -10.22 -14.04 -6.54
N THR B 197 -9.75 -15.03 -5.78
CA THR B 197 -9.48 -14.85 -4.37
C THR B 197 -8.07 -15.39 -4.07
N MET B 198 -7.37 -14.76 -3.14
CA MET B 198 -6.07 -15.25 -2.71
C MET B 198 -5.74 -14.75 -1.30
N GLY B 199 -4.83 -15.46 -0.66
CA GLY B 199 -4.32 -15.07 0.63
C GLY B 199 -3.67 -16.22 1.34
N PHE B 200 -3.28 -15.97 2.59
CA PHE B 200 -2.76 -17.03 3.43
C PHE B 200 -3.12 -16.81 4.89
N ALA B 201 -3.37 -17.91 5.59
CA ALA B 201 -3.72 -17.87 7.00
C ALA B 201 -2.77 -18.79 7.76
N ASN B 202 -2.66 -18.53 9.05
CA ASN B 202 -1.88 -19.37 9.94
C ASN B 202 -2.58 -20.75 10.03
N THR B 203 -1.81 -21.79 10.31
CA THR B 203 -2.38 -23.13 10.38
C THR B 203 -2.48 -23.73 11.81
N TYR B 204 -1.36 -24.09 12.43
CA TYR B 204 -1.43 -24.83 13.70
C TYR B 204 -1.37 -23.89 14.92
N GLY B 205 -1.81 -22.64 14.77
CA GLY B 205 -1.91 -21.71 15.92
C GLY B 205 -0.64 -21.00 16.39
N ASP B 206 0.40 -20.95 15.55
CA ASP B 206 1.70 -20.35 15.90
C ASP B 206 1.98 -19.06 15.11
N VAL B 207 1.32 -18.92 13.96
CA VAL B 207 1.51 -17.74 13.12
C VAL B 207 0.47 -16.65 13.40
N GLN B 208 0.91 -15.39 13.33
CA GLN B 208 0.00 -14.26 13.47
C GLN B 208 0.33 -13.12 12.47
N ILE B 209 -0.63 -12.77 11.61
CA ILE B 209 -0.43 -11.75 10.57
C ILE B 209 -0.49 -10.29 11.01
N ASP B 210 0.40 -9.47 10.46
CA ASP B 210 0.26 -8.02 10.52
C ASP B 210 -0.62 -7.44 9.40
N CYS B 211 -1.31 -6.34 9.72
CA CYS B 211 -2.19 -5.58 8.83
C CYS B 211 -1.58 -4.19 8.63
N SER B 212 -0.83 -3.72 9.61
CA SER B 212 -0.07 -2.49 9.47
C SER B 212 0.91 -2.61 8.30
N ASN B 213 1.54 -3.79 8.25
CA ASN B 213 2.46 -4.15 7.18
C ASN B 213 2.13 -5.27 6.21
N ILE B 214 1.27 -4.90 5.27
CA ILE B 214 0.91 -5.74 4.15
C ILE B 214 1.21 -4.96 2.88
N HIS B 215 1.24 -5.66 1.77
CA HIS B 215 1.24 -4.99 0.48
C HIS B 215 0.33 -5.82 -0.41
N VAL B 216 -0.53 -5.12 -1.15
CA VAL B 216 -1.37 -5.76 -2.16
C VAL B 216 -1.32 -4.93 -3.43
N GLY B 217 -1.06 -5.60 -4.56
CA GLY B 217 -0.86 -4.90 -5.82
C GLY B 217 -0.76 -5.85 -6.98
N ILE B 218 -0.61 -5.30 -8.18
CA ILE B 218 -0.34 -6.07 -9.38
C ILE B 218 1.00 -5.67 -10.01
N THR B 219 1.75 -6.68 -10.44
CA THR B 219 3.04 -6.48 -11.07
C THR B 219 3.00 -6.76 -12.56
N LYS B 220 3.64 -5.89 -13.34
CA LYS B 220 3.68 -6.05 -14.79
C LYS B 220 4.86 -6.96 -15.12
N GLY B 221 4.63 -8.28 -15.04
CA GLY B 221 5.68 -9.25 -15.29
C GLY B 221 6.53 -9.43 -14.05
N LEU B 222 7.59 -10.21 -14.16
CA LEU B 222 8.47 -10.50 -13.03
C LEU B 222 9.94 -10.45 -13.40
N ASN B 223 10.79 -10.32 -12.38
CA ASN B 223 12.24 -10.42 -12.55
C ASN B 223 12.72 -11.88 -12.51
N ASP B 224 14.02 -12.11 -12.73
CA ASP B 224 14.54 -13.47 -12.93
C ASP B 224 14.36 -14.45 -11.76
N TRP B 225 13.99 -13.93 -10.59
CA TRP B 225 13.76 -14.77 -9.41
C TRP B 225 12.34 -14.66 -8.93
N ASN B 226 11.43 -14.54 -9.90
CA ASN B 226 9.99 -14.58 -9.64
C ASN B 226 9.52 -13.63 -8.56
N TYR B 227 10.07 -12.42 -8.57
CA TYR B 227 9.62 -11.39 -7.66
C TYR B 227 8.99 -10.25 -8.45
N PRO B 228 8.06 -9.50 -7.81
CA PRO B 228 7.44 -8.30 -8.39
C PRO B 228 8.45 -7.25 -8.87
N VAL B 229 8.19 -6.63 -10.02
CA VAL B 229 9.03 -5.52 -10.50
C VAL B 229 8.34 -4.16 -10.31
N SER B 230 7.02 -4.16 -10.10
CA SER B 230 6.26 -2.94 -9.83
C SER B 230 5.01 -3.28 -9.04
N SER B 231 4.47 -2.31 -8.31
CA SER B 231 3.19 -2.49 -7.63
C SER B 231 2.15 -1.41 -7.96
N GLU B 232 1.21 -1.72 -8.83
CA GLU B 232 0.13 -0.77 -9.11
C GLU B 232 -0.99 -0.99 -8.10
N SER B 233 -2.15 -0.44 -8.38
CA SER B 233 -3.37 -0.80 -7.65
C SER B 233 -4.45 -1.26 -8.63
N PHE B 234 -5.46 -1.93 -8.11
CA PHE B 234 -6.47 -2.61 -8.92
C PHE B 234 -7.69 -2.86 -8.03
N SER B 235 -8.71 -3.55 -8.56
CA SER B 235 -10.00 -3.61 -7.89
C SER B 235 -10.04 -4.81 -6.97
N TYR B 236 -9.95 -4.57 -5.66
CA TYR B 236 -10.00 -5.65 -4.67
C TYR B 236 -10.64 -5.24 -3.35
N THR B 237 -11.10 -6.24 -2.59
CA THR B 237 -11.67 -6.02 -1.27
C THR B 237 -10.80 -6.79 -0.29
N LYS B 238 -10.58 -6.23 0.89
CA LYS B 238 -9.48 -6.64 1.76
C LYS B 238 -9.96 -7.05 3.15
N THR B 239 -9.72 -8.32 3.47
CA THR B 239 -10.07 -8.88 4.77
C THR B 239 -8.80 -9.29 5.51
N CYS B 240 -8.23 -8.34 6.25
CA CYS B 240 -6.94 -8.54 6.93
C CYS B 240 -7.14 -8.79 8.42
N SER B 241 -6.89 -10.05 8.82
CA SER B 241 -6.95 -10.50 10.20
C SER B 241 -5.55 -10.82 10.72
N SER B 242 -5.37 -10.75 12.04
CA SER B 242 -4.15 -11.29 12.71
C SER B 242 -4.14 -12.83 12.71
N ASN B 243 -5.25 -13.43 12.30
CA ASN B 243 -5.28 -14.83 11.96
C ASN B 243 -4.75 -15.10 10.55
N GLY B 244 -5.02 -14.19 9.62
CA GLY B 244 -4.74 -14.39 8.17
C GLY B 244 -5.23 -13.19 7.35
N ILE B 245 -4.67 -13.04 6.15
CA ILE B 245 -5.04 -11.97 5.22
C ILE B 245 -5.49 -12.57 3.89
N PHE B 246 -6.65 -12.08 3.43
CA PHE B 246 -7.22 -12.50 2.15
C PHE B 246 -7.72 -11.30 1.34
N ILE B 247 -7.64 -11.42 0.01
CA ILE B 247 -8.25 -10.41 -0.85
C ILE B 247 -9.14 -11.09 -1.88
N THR B 248 -10.20 -10.40 -2.30
CA THR B 248 -11.01 -10.82 -3.43
C THR B 248 -10.90 -9.71 -4.44
N TYR B 249 -10.38 -10.04 -5.61
CA TYR B 249 -10.10 -9.02 -6.63
C TYR B 249 -10.89 -9.31 -7.89
N LYS B 250 -10.87 -8.34 -8.80
CA LYS B 250 -11.56 -8.44 -10.08
C LYS B 250 -11.02 -7.54 -11.19
N ASN B 251 -11.09 -8.03 -12.42
CA ASN B 251 -10.77 -7.23 -13.60
C ASN B 251 -9.29 -6.81 -13.77
N VAL B 252 -8.37 -7.72 -13.50
CA VAL B 252 -6.96 -7.50 -13.85
C VAL B 252 -6.54 -7.61 -15.32
N PRO B 253 -5.95 -6.53 -15.87
CA PRO B 253 -5.53 -6.57 -17.28
C PRO B 253 -4.49 -7.64 -17.61
N ALA B 254 -4.39 -7.95 -18.91
CA ALA B 254 -3.43 -8.92 -19.42
C ALA B 254 -2.00 -8.43 -19.26
N GLY B 255 -1.14 -9.29 -18.70
CA GLY B 255 0.28 -9.00 -18.50
C GLY B 255 0.63 -8.66 -17.07
N TYR B 256 -0.36 -8.73 -16.18
CA TYR B 256 -0.22 -8.29 -14.80
C TYR B 256 -0.46 -9.45 -13.84
N ARG B 257 0.34 -9.50 -12.77
CA ARG B 257 0.19 -10.57 -11.78
C ARG B 257 -0.15 -9.99 -10.42
N PRO B 258 -1.27 -10.41 -9.84
CA PRO B 258 -1.69 -9.93 -8.53
C PRO B 258 -0.89 -10.59 -7.42
N PHE B 259 -0.49 -9.82 -6.41
CA PHE B 259 0.27 -10.36 -5.29
C PHE B 259 -0.13 -9.76 -3.96
N VAL B 260 0.15 -10.51 -2.90
CA VAL B 260 -0.05 -10.04 -1.54
C VAL B 260 1.17 -10.42 -0.72
N ASP B 261 1.62 -9.53 0.14
CA ASP B 261 2.73 -9.88 1.04
C ASP B 261 2.62 -9.12 2.36
N ALA B 262 3.07 -9.76 3.44
CA ALA B 262 2.84 -9.28 4.79
C ALA B 262 3.86 -9.78 5.78
N TYR B 263 4.04 -9.01 6.84
CA TYR B 263 4.93 -9.39 7.93
C TYR B 263 4.19 -10.35 8.87
N ILE B 264 4.89 -11.38 9.32
CA ILE B 264 4.35 -12.37 10.26
C ILE B 264 5.28 -12.68 11.43
N SER B 265 4.68 -13.21 12.50
CA SER B 265 5.42 -13.68 13.64
C SER B 265 5.03 -15.13 13.87
N ALA B 266 5.96 -16.05 13.66
CA ALA B 266 5.73 -17.47 13.93
C ALA B 266 6.59 -17.91 15.09
N THR B 267 6.16 -18.96 15.80
CA THR B 267 6.81 -19.36 17.06
C THR B 267 8.27 -19.75 16.84
N ASP B 268 8.50 -20.82 16.08
CA ASP B 268 9.82 -21.10 15.54
C ASP B 268 9.87 -20.63 14.09
N VAL B 269 10.63 -19.56 13.84
CA VAL B 269 10.71 -18.99 12.49
C VAL B 269 11.39 -19.91 11.48
N ASN B 270 12.02 -21.00 11.95
CA ASN B 270 12.65 -21.99 11.07
C ASN B 270 11.76 -23.16 10.74
N SER B 271 10.51 -23.09 11.17
CA SER B 271 9.57 -24.19 10.99
C SER B 271 8.24 -23.56 11.34
N TYR B 272 7.33 -23.57 10.37
CA TYR B 272 6.02 -22.97 10.51
C TYR B 272 5.23 -23.31 9.27
N THR B 273 3.91 -23.32 9.41
CA THR B 273 3.03 -23.69 8.30
C THR B 273 1.97 -22.64 8.04
N LEU B 274 1.72 -22.39 6.75
CA LEU B 274 0.66 -21.48 6.29
C LEU B 274 -0.29 -22.16 5.32
N SER B 275 -1.57 -21.77 5.39
CA SER B 275 -2.59 -22.30 4.47
C SER B 275 -2.99 -21.21 3.49
N TYR B 276 -2.89 -21.52 2.20
CA TYR B 276 -3.08 -20.55 1.13
C TYR B 276 -4.40 -20.80 0.39
N ALA B 277 -5.17 -19.72 0.24
CA ALA B 277 -6.38 -19.72 -0.61
C ALA B 277 -5.99 -19.46 -2.06
N ASN B 278 -6.66 -20.10 -3.01
CA ASN B 278 -6.24 -19.98 -4.41
C ASN B 278 -7.27 -20.06 -5.54
N GLU B 279 -8.34 -19.31 -5.37
CA GLU B 279 -9.40 -19.43 -6.34
C GLU B 279 -9.15 -18.32 -7.33
N TYR B 280 -9.26 -18.64 -8.61
CA TYR B 280 -9.14 -17.66 -9.68
C TYR B 280 -10.05 -18.02 -10.84
N THR B 281 -10.53 -17.00 -11.53
CA THR B 281 -11.31 -17.17 -12.72
C THR B 281 -10.65 -16.38 -13.83
N CYS B 282 -9.77 -17.06 -14.56
CA CYS B 282 -9.01 -16.43 -15.65
C CYS B 282 -9.91 -15.97 -16.81
N ALA B 283 -9.46 -14.93 -17.49
CA ALA B 283 -10.13 -14.39 -18.65
C ALA B 283 -10.21 -15.56 -19.58
N GLY B 284 -11.33 -15.66 -20.29
CA GLY B 284 -11.63 -16.83 -21.09
C GLY B 284 -12.22 -17.97 -20.27
N GLY B 285 -12.89 -17.64 -19.18
CA GLY B 285 -13.53 -18.65 -18.35
C GLY B 285 -12.69 -19.86 -17.99
N TYR B 286 -11.57 -19.62 -17.32
CA TYR B 286 -10.73 -20.67 -16.77
C TYR B 286 -10.77 -20.53 -15.25
N TRP B 287 -11.83 -21.07 -14.66
CA TRP B 287 -12.10 -20.89 -13.24
C TRP B 287 -11.69 -22.14 -12.47
N GLN B 288 -10.86 -21.95 -11.45
CA GLN B 288 -10.36 -23.08 -10.67
C GLN B 288 -10.28 -22.67 -9.20
N ARG B 289 -10.30 -23.67 -8.32
CA ARG B 289 -10.21 -23.43 -6.87
C ARG B 289 -9.27 -24.49 -6.29
N ALA B 290 -8.02 -24.12 -6.00
CA ALA B 290 -6.97 -25.06 -5.64
C ALA B 290 -6.18 -24.64 -4.39
N PRO B 291 -6.83 -24.66 -3.21
CA PRO B 291 -6.14 -24.32 -1.94
C PRO B 291 -5.09 -25.34 -1.46
N PHE B 292 -4.06 -24.87 -0.76
CA PHE B 292 -2.93 -25.72 -0.32
C PHE B 292 -2.33 -25.24 0.99
N THR B 293 -1.47 -26.07 1.58
CA THR B 293 -0.71 -25.69 2.78
C THR B 293 0.77 -25.84 2.48
N LEU B 294 1.58 -24.92 3.03
CA LEU B 294 3.04 -24.94 2.82
C LEU B 294 3.80 -24.85 4.13
N ARG B 295 4.71 -25.81 4.37
CA ARG B 295 5.63 -25.76 5.53
C ARG B 295 6.94 -25.09 5.20
N TRP B 296 7.25 -24.01 5.92
CA TRP B 296 8.41 -23.19 5.63
C TRP B 296 9.46 -23.50 6.67
N THR B 297 10.65 -23.80 6.17
CA THR B 297 11.79 -24.18 7.02
C THR B 297 12.93 -23.21 6.88
N GLY B 298 13.86 -23.21 7.84
CA GLY B 298 14.92 -22.19 7.87
C GLY B 298 16.21 -22.54 7.14
N PHE B 299 17.22 -21.71 7.33
CA PHE B 299 18.49 -21.85 6.62
C PHE B 299 19.65 -21.79 7.59
N ARG B 300 20.79 -22.30 7.13
CA ARG B 300 21.99 -22.41 7.96
C ARG B 300 22.66 -21.06 8.04
N ASN B 301 23.07 -20.67 9.24
CA ASN B 301 23.84 -19.45 9.40
C ASN B 301 25.31 -19.72 9.10
N SER B 302 26.04 -18.64 8.81
CA SER B 302 27.48 -18.72 8.60
C SER B 302 28.17 -17.75 9.53
N ASP B 303 29.49 -17.72 9.46
CA ASP B 303 30.30 -16.90 10.37
C ASP B 303 31.00 -15.84 9.55
N ALA B 304 31.30 -14.71 10.19
CA ALA B 304 32.15 -13.68 9.60
C ALA B 304 33.45 -13.70 10.36
N GLY B 305 34.56 -13.72 9.64
CA GLY B 305 35.85 -13.79 10.28
C GLY B 305 36.84 -13.05 9.43
N SER B 306 38.05 -12.86 9.97
CA SER B 306 39.13 -12.27 9.24
C SER B 306 40.48 -12.87 9.61
N ASN B 307 41.38 -12.91 8.65
CA ASN B 307 42.77 -13.33 8.86
C ASN B 307 43.64 -12.11 8.47
N GLY B 308 44.92 -12.13 8.80
CA GLY B 308 45.78 -11.02 8.40
C GLY B 308 47.27 -11.16 8.69
N ILE B 309 47.99 -10.12 8.28
CA ILE B 309 49.42 -10.01 8.48
C ILE B 309 49.69 -8.64 9.08
N VAL B 310 50.68 -8.55 9.96
CA VAL B 310 51.08 -7.26 10.51
C VAL B 310 52.56 -6.95 10.25
N ILE B 311 52.84 -5.68 10.03
CA ILE B 311 54.21 -5.23 9.83
C ILE B 311 54.50 -4.16 10.85
N VAL B 312 55.43 -4.45 11.74
CA VAL B 312 55.83 -3.50 12.76
C VAL B 312 57.07 -2.82 12.20
N ALA B 313 56.99 -1.53 11.89
CA ALA B 313 58.16 -0.80 11.33
C ALA B 313 58.91 -0.12 12.46
N GLY C 1 66.02 -28.65 -7.42
CA GLY C 1 67.15 -28.61 -6.45
C GLY C 1 66.80 -29.28 -5.14
N LYS C 2 66.33 -28.47 -4.19
CA LYS C 2 65.99 -28.94 -2.83
C LYS C 2 64.46 -29.15 -2.66
N THR C 3 64.07 -29.82 -1.59
CA THR C 3 62.66 -30.13 -1.35
C THR C 3 62.22 -29.40 -0.07
N ILE C 4 61.68 -28.21 -0.22
CA ILE C 4 61.45 -27.34 0.93
C ILE C 4 60.19 -27.76 1.65
N THR C 5 60.05 -27.30 2.90
CA THR C 5 58.93 -27.68 3.77
C THR C 5 58.31 -26.49 4.49
N GLY C 6 57.10 -26.69 5.00
CA GLY C 6 56.46 -25.69 5.84
C GLY C 6 55.82 -24.54 5.09
N VAL C 7 55.85 -24.56 3.75
CA VAL C 7 55.27 -23.46 2.95
C VAL C 7 53.82 -23.16 3.35
N PHE C 8 52.99 -24.20 3.41
CA PHE C 8 51.64 -24.07 3.96
C PHE C 8 51.75 -24.10 5.48
N ASN C 9 51.45 -22.98 6.13
CA ASN C 9 51.77 -22.84 7.57
C ASN C 9 50.60 -22.54 8.50
N SER C 10 49.37 -22.59 7.99
CA SER C 10 48.21 -22.27 8.80
C SER C 10 46.95 -22.81 8.17
N PHE C 11 46.05 -23.33 9.00
CA PHE C 11 44.74 -23.75 8.55
C PHE C 11 43.76 -22.65 8.94
N ASN C 12 43.55 -21.69 8.04
CA ASN C 12 42.79 -20.50 8.41
C ASN C 12 41.33 -20.82 8.64
N SER C 13 40.77 -21.70 7.82
CA SER C 13 39.41 -22.11 8.05
C SER C 13 39.04 -23.38 7.27
N LEU C 14 37.93 -23.96 7.68
CA LEU C 14 37.37 -25.11 6.99
C LEU C 14 35.86 -25.07 7.12
N THR C 15 35.20 -24.68 6.04
CA THR C 15 33.75 -24.46 6.01
C THR C 15 33.07 -25.24 4.90
N TRP C 16 31.80 -25.58 5.10
CA TRP C 16 31.05 -26.35 4.11
C TRP C 16 30.22 -25.45 3.19
N SER C 17 30.16 -25.81 1.92
CA SER C 17 29.35 -25.09 0.94
C SER C 17 28.57 -26.10 0.13
N ASN C 18 27.42 -26.51 0.65
CA ASN C 18 26.62 -27.57 0.04
C ASN C 18 26.70 -27.51 -1.48
N ALA C 19 27.27 -28.55 -2.09
CA ALA C 19 27.40 -28.56 -3.55
C ALA C 19 26.12 -28.91 -4.32
N ALA C 20 25.13 -29.44 -3.61
CA ALA C 20 23.83 -29.73 -4.17
C ALA C 20 22.94 -29.70 -2.94
N THR C 21 21.76 -30.30 -3.04
CA THR C 21 20.87 -30.41 -1.89
C THR C 21 21.03 -31.57 -0.89
N TYR C 22 22.17 -31.63 -0.21
CA TYR C 22 22.37 -32.62 0.84
C TYR C 22 21.74 -32.13 2.14
N ASN C 23 20.98 -33.02 2.79
CA ASN C 23 20.26 -32.65 4.00
C ASN C 23 21.09 -32.64 5.28
N TYR C 24 22.39 -32.85 5.15
CA TYR C 24 23.28 -32.82 6.34
C TYR C 24 24.69 -32.33 6.02
N LYS C 25 25.36 -31.84 7.06
CA LYS C 25 26.70 -31.28 6.95
C LYS C 25 27.74 -32.36 7.25
N GLY C 26 27.94 -33.29 6.33
CA GLY C 26 28.95 -34.33 6.50
C GLY C 26 30.22 -34.08 5.71
N PRO C 27 31.34 -34.66 6.16
CA PRO C 27 32.65 -34.60 5.47
C PRO C 27 32.62 -35.26 4.09
N GLY C 28 31.81 -36.31 3.96
CA GLY C 28 31.64 -36.99 2.68
C GLY C 28 30.76 -36.22 1.71
N THR C 29 30.09 -35.17 2.20
CA THR C 29 29.27 -34.32 1.35
C THR C 29 30.07 -33.08 0.94
N PRO C 30 30.19 -32.85 -0.38
CA PRO C 30 30.83 -31.65 -0.90
C PRO C 30 29.97 -30.39 -0.72
N THR C 31 30.56 -29.19 -0.65
CA THR C 31 32.00 -28.97 -0.78
C THR C 31 32.60 -28.34 0.49
N TRP C 32 33.76 -28.81 0.92
CA TRP C 32 34.45 -28.20 2.04
C TRP C 32 35.60 -27.34 1.52
N ASN C 33 35.57 -26.08 1.90
CA ASN C 33 36.60 -25.15 1.48
C ASN C 33 37.65 -25.02 2.57
N ALA C 34 38.84 -25.52 2.26
CA ALA C 34 40.01 -25.37 3.12
C ALA C 34 40.80 -24.13 2.70
N VAL C 35 40.92 -23.15 3.58
CA VAL C 35 41.74 -21.97 3.34
C VAL C 35 43.05 -22.12 4.10
N LEU C 36 44.16 -22.20 3.36
CA LEU C 36 45.47 -22.42 3.98
C LEU C 36 46.40 -21.23 3.70
N GLY C 37 47.16 -20.85 4.72
CA GLY C 37 48.17 -19.80 4.57
C GLY C 37 49.45 -20.39 4.00
N TRP C 38 50.06 -19.66 3.06
CA TRP C 38 51.31 -20.10 2.47
C TRP C 38 52.33 -18.97 2.47
N SER C 39 53.60 -19.35 2.60
CA SER C 39 54.71 -18.39 2.61
C SER C 39 55.91 -18.92 1.83
N LEU C 40 56.35 -18.18 0.83
CA LEU C 40 57.58 -18.56 0.06
C LEU C 40 58.71 -17.52 0.21
N ASP C 41 59.91 -17.96 0.52
CA ASP C 41 61.00 -17.04 0.84
C ASP C 41 62.11 -17.17 -0.20
N GLY C 42 62.28 -16.15 -1.04
CA GLY C 42 63.27 -16.19 -2.12
C GLY C 42 64.69 -16.48 -1.64
N THR C 43 65.01 -15.95 -0.46
CA THR C 43 66.33 -16.10 0.14
C THR C 43 66.57 -17.51 0.67
N SER C 44 65.51 -18.32 0.79
CA SER C 44 65.63 -19.73 1.12
C SER C 44 65.10 -20.71 0.07
N ALA C 45 64.09 -20.28 -0.67
CA ALA C 45 63.42 -21.11 -1.65
C ALA C 45 63.86 -20.60 -3.02
N SER C 46 64.17 -21.54 -3.91
CA SER C 46 64.56 -21.22 -5.28
C SER C 46 63.66 -21.88 -6.32
N PRO C 47 63.59 -21.31 -7.54
CA PRO C 47 62.75 -21.87 -8.58
C PRO C 47 63.17 -23.28 -8.93
N GLY C 48 62.21 -24.19 -9.07
CA GLY C 48 62.50 -25.61 -9.29
C GLY C 48 62.27 -26.46 -8.05
N ASP C 49 62.54 -25.89 -6.88
CA ASP C 49 62.34 -26.62 -5.63
C ASP C 49 60.90 -27.10 -5.50
N THR C 50 60.71 -28.16 -4.71
CA THR C 50 59.40 -28.77 -4.55
C THR C 50 58.95 -28.85 -3.10
N PHE C 51 57.63 -28.85 -2.96
CA PHE C 51 57.02 -29.13 -1.68
C PHE C 51 55.70 -29.85 -1.89
N THR C 52 55.40 -30.78 -0.98
CA THR C 52 54.19 -31.59 -1.03
C THR C 52 53.37 -31.42 0.25
N LEU C 53 52.09 -31.09 0.10
CA LEU C 53 51.18 -30.94 1.21
C LEU C 53 50.39 -32.22 1.27
N ASN C 54 50.48 -32.93 2.37
CA ASN C 54 49.85 -34.22 2.52
C ASN C 54 48.58 -34.05 3.40
N MET C 55 47.41 -34.45 2.88
CA MET C 55 46.12 -34.23 3.61
C MET C 55 45.34 -35.56 3.71
N PRO C 56 45.43 -36.21 4.86
CA PRO C 56 44.79 -37.53 5.05
C PRO C 56 43.27 -37.46 5.07
N CYS C 57 42.62 -38.49 4.55
CA CYS C 57 41.16 -38.59 4.59
C CYS C 57 40.44 -37.68 3.59
N VAL C 58 41.18 -37.12 2.63
CA VAL C 58 40.59 -36.28 1.60
C VAL C 58 40.44 -37.10 0.33
N PHE C 59 39.19 -37.26 -0.09
CA PHE C 59 38.91 -38.13 -1.22
C PHE C 59 39.32 -37.51 -2.55
N MET C 60 38.68 -36.40 -2.89
CA MET C 60 38.87 -35.60 -4.09
C MET C 60 38.70 -34.13 -4.00
N PHE C 61 39.24 -33.39 -4.96
CA PHE C 61 39.15 -31.93 -4.99
C PHE C 61 37.95 -31.71 -5.89
N THR C 62 36.91 -31.08 -5.37
CA THR C 62 35.66 -30.87 -6.12
C THR C 62 35.77 -29.72 -7.13
N THR C 63 36.75 -29.84 -8.03
CA THR C 63 36.96 -28.88 -9.13
C THR C 63 37.49 -29.58 -10.38
N SER C 64 37.19 -29.03 -11.54
CA SER C 64 37.65 -29.59 -12.81
C SER C 64 39.12 -29.25 -13.04
N GLN C 65 39.63 -28.27 -12.30
CA GLN C 65 40.93 -27.72 -12.58
C GLN C 65 42.01 -28.78 -12.37
N THR C 66 43.07 -28.65 -13.14
CA THR C 66 44.13 -29.62 -13.12
C THR C 66 45.03 -29.27 -11.94
N SER C 67 45.18 -27.96 -11.72
CA SER C 67 46.12 -27.41 -10.71
C SER C 67 45.68 -26.05 -10.16
N VAL C 68 46.39 -25.60 -9.13
CA VAL C 68 46.14 -24.30 -8.52
C VAL C 68 47.48 -23.62 -8.38
N ASP C 69 47.49 -22.31 -8.64
CA ASP C 69 48.71 -21.53 -8.57
C ASP C 69 48.72 -20.70 -7.28
N LEU C 70 49.89 -20.60 -6.67
CA LEU C 70 50.10 -19.76 -5.52
C LEU C 70 50.35 -18.36 -6.02
N THR C 71 49.27 -17.58 -6.11
CA THR C 71 49.33 -16.28 -6.73
C THR C 71 49.25 -15.19 -5.68
N ALA C 72 50.23 -14.28 -5.72
CA ALA C 72 50.25 -13.09 -4.89
C ALA C 72 50.15 -11.85 -5.79
N HIS C 73 49.07 -11.10 -5.64
CA HIS C 73 48.88 -9.86 -6.41
C HIS C 73 48.96 -10.06 -7.94
N GLY C 74 48.30 -11.08 -8.49
CA GLY C 74 48.37 -11.31 -9.94
C GLY C 74 49.60 -12.02 -10.47
N VAL C 75 50.66 -12.21 -9.69
CA VAL C 75 51.80 -13.00 -10.16
C VAL C 75 51.83 -14.39 -9.57
N LYS C 76 52.21 -15.40 -10.34
CA LYS C 76 52.23 -16.78 -9.90
C LYS C 76 53.65 -17.06 -9.41
N TYR C 77 53.80 -17.46 -8.14
CA TYR C 77 55.11 -17.81 -7.58
C TYR C 77 55.29 -19.32 -7.33
N ALA C 78 54.23 -20.10 -7.55
CA ALA C 78 54.34 -21.58 -7.49
C ALA C 78 53.12 -22.26 -8.14
N THR C 79 53.34 -23.41 -8.78
CA THR C 79 52.24 -24.19 -9.36
C THR C 79 52.09 -25.49 -8.60
N CYS C 80 50.89 -25.76 -8.11
CA CYS C 80 50.66 -26.94 -7.28
C CYS C 80 49.67 -27.86 -7.97
N GLN C 81 50.15 -28.99 -8.47
CA GLN C 81 49.31 -29.88 -9.19
C GLN C 81 48.87 -30.84 -8.16
N PHE C 82 47.68 -31.44 -8.32
CA PHE C 82 47.15 -32.31 -7.26
C PHE C 82 46.82 -33.74 -7.71
N GLN C 83 46.99 -34.68 -6.78
CA GLN C 83 46.61 -36.04 -6.98
C GLN C 83 45.63 -36.49 -5.93
N ALA C 84 44.41 -36.73 -6.37
CA ALA C 84 43.36 -37.16 -5.52
C ALA C 84 43.62 -38.56 -5.14
N GLY C 85 43.26 -38.91 -3.92
CA GLY C 85 43.36 -40.28 -3.42
C GLY C 85 42.36 -41.12 -4.18
N GLU C 86 41.09 -40.70 -4.12
CA GLU C 86 40.00 -41.46 -4.71
C GLU C 86 40.05 -42.84 -4.06
N GLU C 87 40.13 -43.88 -4.89
CA GLU C 87 40.26 -45.24 -4.41
C GLU C 87 41.66 -45.80 -4.56
N PHE C 88 42.62 -44.94 -4.91
CA PHE C 88 44.03 -45.29 -4.98
C PHE C 88 44.64 -45.31 -3.59
N MET C 89 44.34 -44.28 -2.82
CA MET C 89 44.96 -44.12 -1.50
C MET C 89 44.04 -43.38 -0.52
N THR C 90 44.33 -43.48 0.78
CA THR C 90 43.48 -42.88 1.82
C THR C 90 43.61 -41.36 1.92
N PHE C 91 44.63 -40.82 1.27
CA PHE C 91 44.99 -39.41 1.38
C PHE C 91 45.10 -38.78 0.00
N SER C 92 45.03 -37.46 -0.01
CA SER C 92 45.22 -36.70 -1.20
C SER C 92 46.47 -35.86 -0.94
N THR C 93 47.11 -35.39 -1.99
CA THR C 93 48.32 -34.58 -1.88
C THR C 93 48.27 -33.36 -2.77
N LEU C 94 49.08 -32.35 -2.43
CA LEU C 94 49.36 -31.23 -3.35
C LEU C 94 50.84 -31.24 -3.65
N THR C 95 51.21 -31.66 -4.85
CA THR C 95 52.61 -31.60 -5.26
C THR C 95 52.86 -30.27 -5.97
N CYS C 96 53.71 -29.44 -5.37
CA CYS C 96 53.96 -28.10 -5.88
C CYS C 96 55.38 -27.89 -6.39
N THR C 97 55.55 -26.82 -7.16
CA THR C 97 56.84 -26.43 -7.71
C THR C 97 57.02 -24.92 -7.69
N VAL C 98 58.18 -24.46 -7.25
CA VAL C 98 58.46 -23.03 -7.20
C VAL C 98 58.66 -22.46 -8.61
N SER C 99 58.05 -21.32 -8.87
CA SER C 99 58.13 -20.65 -10.17
C SER C 99 59.36 -19.74 -10.23
N ASN C 100 59.70 -19.29 -11.44
CA ASN C 100 60.93 -18.51 -11.64
C ASN C 100 60.82 -17.09 -11.10
N THR C 101 59.61 -16.68 -10.78
CA THR C 101 59.35 -15.35 -10.32
C THR C 101 59.83 -15.13 -8.89
N LEU C 102 60.18 -16.20 -8.17
CA LEU C 102 60.62 -16.07 -6.80
C LEU C 102 62.14 -15.89 -6.75
N THR C 103 62.59 -14.65 -6.96
CA THR C 103 63.99 -14.30 -6.88
C THR C 103 64.39 -14.12 -5.42
N PRO C 104 65.69 -14.17 -5.13
CA PRO C 104 66.15 -14.00 -3.75
C PRO C 104 65.76 -12.67 -3.11
N SER C 105 65.16 -11.77 -3.87
CA SER C 105 64.67 -10.52 -3.33
C SER C 105 63.26 -10.73 -2.79
N ILE C 106 62.52 -11.61 -3.43
CA ILE C 106 61.07 -11.67 -3.26
C ILE C 106 60.67 -12.58 -2.11
N LYS C 107 59.77 -12.09 -1.26
CA LYS C 107 59.08 -12.95 -0.27
C LYS C 107 57.57 -12.84 -0.53
N ALA C 108 56.92 -13.95 -0.82
CA ALA C 108 55.48 -13.96 -1.12
C ALA C 108 54.70 -14.62 0.03
N LEU C 109 53.60 -13.98 0.43
CA LEU C 109 52.74 -14.51 1.51
C LEU C 109 51.28 -14.35 1.20
N GLY C 110 50.45 -15.33 1.51
CA GLY C 110 49.04 -15.26 1.15
C GLY C 110 48.26 -16.48 1.56
N THR C 111 47.07 -16.62 0.99
CA THR C 111 46.19 -17.74 1.30
C THR C 111 45.83 -18.47 0.02
N VAL C 112 45.43 -19.73 0.18
CA VAL C 112 44.86 -20.48 -0.94
C VAL C 112 43.62 -21.22 -0.45
N THR C 113 42.59 -21.26 -1.30
CA THR C 113 41.34 -21.94 -0.96
C THR C 113 41.23 -23.22 -1.79
N LEU C 114 40.75 -24.29 -1.17
CA LEU C 114 40.77 -25.59 -1.78
C LEU C 114 39.45 -26.34 -1.55
N PRO C 115 38.69 -26.54 -2.61
CA PRO C 115 37.41 -27.27 -2.50
C PRO C 115 37.65 -28.76 -2.32
N LEU C 116 37.23 -29.31 -1.19
CA LEU C 116 37.47 -30.73 -0.91
C LEU C 116 36.28 -31.51 -0.34
N VAL C 117 36.29 -32.82 -0.61
CA VAL C 117 35.32 -33.75 -0.08
C VAL C 117 36.08 -34.90 0.56
N PHE C 118 35.76 -35.20 1.81
CA PHE C 118 36.52 -36.15 2.61
C PHE C 118 36.05 -37.55 2.27
N ASN C 119 36.87 -38.52 2.64
CA ASN C 119 36.52 -39.93 2.53
C ASN C 119 36.19 -40.48 3.91
N VAL C 120 34.96 -40.94 4.05
CA VAL C 120 34.47 -41.51 5.30
C VAL C 120 33.69 -42.77 5.00
N GLY C 121 34.04 -43.43 3.91
CA GLY C 121 33.28 -44.61 3.47
C GLY C 121 32.55 -44.43 2.15
N GLY C 122 32.01 -45.51 1.61
CA GLY C 122 31.40 -45.50 0.29
C GLY C 122 31.36 -46.85 -0.40
N THR C 123 32.44 -47.61 -0.29
CA THR C 123 32.57 -48.98 -0.83
C THR C 123 33.18 -49.98 0.19
N GLY C 124 33.75 -51.09 -0.27
CA GLY C 124 34.37 -52.11 0.59
C GLY C 124 35.84 -52.31 0.28
N SER C 125 36.47 -51.34 -0.39
CA SER C 125 37.90 -51.39 -0.65
C SER C 125 38.62 -51.12 0.65
N SER C 126 39.87 -51.56 0.72
CA SER C 126 40.71 -51.30 1.89
C SER C 126 40.80 -49.81 2.19
N VAL C 127 40.77 -48.99 1.15
CA VAL C 127 40.89 -47.53 1.27
C VAL C 127 39.57 -46.99 1.87
N ASP C 128 38.43 -47.35 1.29
CA ASP C 128 37.15 -46.89 1.81
C ASP C 128 36.94 -47.26 3.29
N LEU C 129 37.37 -48.46 3.66
CA LEU C 129 37.19 -48.97 5.01
C LEU C 129 38.00 -48.19 6.04
N GLU C 130 39.31 -48.08 5.82
CA GLU C 130 40.19 -47.42 6.78
C GLU C 130 39.74 -45.99 7.05
N ASP C 131 39.33 -45.31 5.98
CA ASP C 131 38.88 -43.92 6.05
C ASP C 131 37.46 -43.80 6.63
N SER C 132 36.77 -44.93 6.75
CA SER C 132 35.42 -44.95 7.29
C SER C 132 35.44 -44.96 8.82
N LYS C 133 36.50 -44.41 9.39
CA LYS C 133 36.65 -44.36 10.83
C LYS C 133 37.41 -43.12 11.28
N CYS C 134 38.04 -42.43 10.33
CA CYS C 134 38.88 -41.27 10.63
C CYS C 134 38.13 -40.06 11.22
N PHE C 135 36.81 -40.05 11.13
CA PHE C 135 36.00 -38.92 11.59
C PHE C 135 34.64 -39.38 12.11
N THR C 136 34.13 -38.68 13.11
CA THR C 136 32.84 -39.01 13.70
C THR C 136 32.00 -37.74 13.71
N ALA C 137 30.71 -37.88 13.93
CA ALA C 137 29.88 -36.68 13.99
C ALA C 137 30.36 -35.82 15.16
N GLY C 138 30.00 -34.53 15.14
CA GLY C 138 30.37 -33.58 16.18
C GLY C 138 31.67 -32.83 15.87
N THR C 139 32.34 -32.36 16.92
CA THR C 139 33.56 -31.56 16.76
C THR C 139 34.79 -32.44 16.50
N ASN C 140 35.41 -32.23 15.35
CA ASN C 140 36.55 -33.02 14.87
C ASN C 140 37.76 -32.13 14.61
N THR C 141 38.95 -32.72 14.76
CA THR C 141 40.20 -32.04 14.43
C THR C 141 40.72 -32.60 13.12
N VAL C 142 40.91 -31.71 12.14
CA VAL C 142 41.43 -32.06 10.82
C VAL C 142 42.86 -31.56 10.70
N THR C 143 43.77 -32.44 10.30
CA THR C 143 45.19 -32.12 10.25
C THR C 143 45.77 -32.45 8.90
N PHE C 144 46.42 -31.47 8.28
CA PHE C 144 47.22 -31.71 7.10
C PHE C 144 48.67 -31.56 7.52
N ASN C 145 49.58 -31.97 6.67
CA ASN C 145 50.98 -31.76 6.98
C ASN C 145 51.85 -31.43 5.77
N ASP C 146 52.59 -30.33 5.87
CA ASP C 146 53.46 -29.89 4.80
C ASP C 146 54.88 -30.42 5.00
N GLY C 147 55.26 -31.40 4.17
CA GLY C 147 56.53 -32.08 4.31
C GLY C 147 56.49 -32.80 5.63
N GLY C 148 57.05 -32.14 6.65
CA GLY C 148 56.95 -32.61 8.02
C GLY C 148 56.14 -31.84 9.07
N LYS C 149 55.90 -30.56 8.82
CA LYS C 149 55.21 -29.69 9.78
C LYS C 149 53.72 -29.95 9.60
N LYS C 150 53.00 -29.99 10.71
CA LYS C 150 51.53 -30.21 10.69
C LYS C 150 50.76 -28.91 10.87
N ILE C 151 49.56 -28.86 10.26
CA ILE C 151 48.62 -27.76 10.49
C ILE C 151 47.21 -28.30 10.76
N SER C 152 46.59 -27.88 11.86
CA SER C 152 45.32 -28.44 12.32
C SER C 152 44.21 -27.43 12.42
N ILE C 153 42.97 -27.91 12.37
CA ILE C 153 41.79 -27.08 12.52
C ILE C 153 40.67 -27.90 13.13
N ASN C 154 39.76 -27.25 13.86
CA ASN C 154 38.60 -27.92 14.41
C ASN C 154 37.40 -27.58 13.54
N VAL C 155 36.50 -28.55 13.39
CA VAL C 155 35.32 -28.39 12.54
C VAL C 155 34.18 -29.27 13.02
N ASP C 156 32.95 -28.79 12.87
CA ASP C 156 31.77 -29.54 13.28
C ASP C 156 31.20 -30.35 12.13
N PHE C 157 31.06 -31.65 12.32
CA PHE C 157 30.43 -32.51 11.33
C PHE C 157 29.06 -32.86 11.89
N GLU C 158 28.13 -33.09 10.99
CA GLU C 158 26.85 -33.66 11.34
C GLU C 158 26.99 -35.11 10.87
N ARG C 159 26.13 -35.97 11.42
CA ARG C 159 25.81 -37.30 10.88
C ARG C 159 24.72 -37.25 9.79
N SER C 160 24.36 -38.40 9.23
CA SER C 160 23.27 -38.45 8.24
C SER C 160 21.86 -38.38 8.80
N ASN C 161 20.99 -37.69 8.07
CA ASN C 161 19.56 -37.62 8.40
C ASN C 161 18.83 -38.91 8.00
N VAL C 162 19.38 -39.66 7.05
CA VAL C 162 18.76 -40.92 6.63
C VAL C 162 18.70 -42.00 7.72
N ASP C 163 17.50 -42.57 7.89
CA ASP C 163 17.27 -43.57 8.93
C ASP C 163 17.99 -44.89 8.60
N PRO C 164 18.90 -45.30 9.48
CA PRO C 164 19.76 -46.45 9.24
C PRO C 164 19.01 -47.77 9.33
N LYS C 165 17.80 -47.74 9.85
CA LYS C 165 17.02 -48.97 9.97
C LYS C 165 16.32 -49.34 8.66
N GLY C 166 16.37 -48.49 7.63
CA GLY C 166 15.92 -48.87 6.30
C GLY C 166 17.12 -49.20 5.47
N TYR C 167 16.87 -49.25 4.15
CA TYR C 167 17.90 -49.42 3.15
C TYR C 167 18.51 -48.10 2.74
N LEU C 168 19.74 -48.24 2.31
CA LEU C 168 20.62 -47.12 2.21
C LEU C 168 21.41 -47.18 0.92
N THR C 169 21.36 -46.09 0.16
CA THR C 169 22.17 -45.96 -1.03
C THR C 169 22.92 -44.66 -1.02
N ASP C 170 24.04 -44.66 -1.74
CA ASP C 170 24.78 -43.44 -1.98
C ASP C 170 25.50 -43.70 -3.32
N SER C 171 26.19 -42.68 -3.81
CA SER C 171 27.03 -42.80 -4.99
C SER C 171 28.16 -41.81 -4.81
N ARG C 172 29.23 -42.00 -5.57
CA ARG C 172 30.30 -41.04 -5.54
C ARG C 172 31.11 -41.11 -6.83
N VAL C 173 31.26 -39.97 -7.47
CA VAL C 173 31.87 -39.88 -8.79
C VAL C 173 33.39 -40.09 -8.68
N ILE C 174 33.96 -40.98 -9.51
CA ILE C 174 35.41 -41.18 -9.57
C ILE C 174 35.94 -40.64 -10.91
N PRO C 175 36.52 -39.44 -10.88
CA PRO C 175 36.98 -38.84 -12.14
C PRO C 175 38.19 -39.49 -12.86
N SER C 176 39.14 -40.06 -12.11
CA SER C 176 40.35 -40.65 -12.72
C SER C 176 40.05 -41.91 -13.58
N LEU C 177 38.86 -42.49 -13.41
CA LEU C 177 38.40 -43.61 -14.23
C LEU C 177 37.13 -43.32 -15.04
N ASN C 178 36.65 -42.08 -14.93
CA ASN C 178 35.37 -41.67 -15.51
C ASN C 178 34.22 -42.56 -15.10
N LYS C 179 34.22 -42.96 -13.83
CA LYS C 179 33.18 -43.85 -13.38
C LYS C 179 32.52 -43.27 -12.16
N VAL C 180 31.41 -43.88 -11.75
CA VAL C 180 30.75 -43.54 -10.51
C VAL C 180 30.90 -44.82 -9.67
N SER C 181 30.94 -44.69 -8.34
CA SER C 181 30.86 -45.87 -7.45
C SER C 181 29.68 -45.94 -6.47
N THR C 182 28.69 -46.75 -6.78
CA THR C 182 27.43 -46.69 -6.05
C THR C 182 27.41 -47.80 -5.01
N LEU C 183 26.55 -47.66 -4.02
CA LEU C 183 26.46 -48.62 -2.91
C LEU C 183 25.01 -48.92 -2.56
N PHE C 184 24.79 -50.15 -2.09
CA PHE C 184 23.48 -50.59 -1.65
C PHE C 184 23.60 -51.45 -0.39
N VAL C 185 22.80 -51.11 0.60
CA VAL C 185 22.81 -51.79 1.89
C VAL C 185 21.37 -52.14 2.24
N ALA C 186 21.09 -53.43 2.45
CA ALA C 186 19.73 -53.89 2.64
C ALA C 186 19.18 -53.35 3.95
N PRO C 187 17.84 -53.27 4.09
CA PRO C 187 17.27 -52.85 5.37
C PRO C 187 17.75 -53.66 6.57
N GLN C 188 17.77 -53.03 7.75
CA GLN C 188 18.29 -53.64 8.96
C GLN C 188 17.39 -54.73 9.54
N CYS C 189 17.92 -55.94 9.57
CA CYS C 189 17.31 -57.07 10.27
C CYS C 189 18.08 -57.27 11.57
N ALA C 190 17.61 -56.62 12.63
CA ALA C 190 18.33 -56.53 13.91
C ALA C 190 18.88 -57.86 14.44
N ASN C 191 18.15 -58.95 14.20
CA ASN C 191 18.53 -60.27 14.74
C ASN C 191 19.22 -61.16 13.75
N GLY C 192 19.45 -60.64 12.55
CA GLY C 192 20.10 -61.40 11.49
C GLY C 192 19.17 -61.70 10.33
N TYR C 193 19.74 -62.22 9.26
CA TYR C 193 19.01 -62.47 8.02
C TYR C 193 18.92 -63.96 7.80
N THR C 194 17.72 -64.47 7.52
CA THR C 194 17.55 -65.89 7.20
C THR C 194 18.07 -66.08 5.79
N SER C 195 17.54 -65.27 4.89
CA SER C 195 18.05 -65.20 3.55
C SER C 195 17.58 -63.85 2.94
N GLY C 196 17.92 -63.65 1.67
CA GLY C 196 17.47 -62.47 0.94
C GLY C 196 18.10 -62.30 -0.43
N THR C 197 17.60 -61.34 -1.18
CA THR C 197 18.16 -60.97 -2.47
C THR C 197 18.34 -59.45 -2.52
N MET C 198 19.39 -59.00 -3.19
CA MET C 198 19.61 -57.57 -3.39
C MET C 198 20.47 -57.32 -4.62
N GLY C 199 20.36 -56.12 -5.16
CA GLY C 199 21.23 -55.67 -6.24
C GLY C 199 20.64 -54.48 -6.96
N PHE C 200 21.33 -54.03 -8.00
CA PHE C 200 20.86 -52.93 -8.83
C PHE C 200 21.24 -53.13 -10.29
N ALA C 201 20.33 -52.75 -11.17
CA ALA C 201 20.52 -52.94 -12.61
C ALA C 201 20.31 -51.64 -13.38
N ASN C 202 20.85 -51.62 -14.59
CA ASN C 202 20.66 -50.49 -15.50
C ASN C 202 19.14 -50.35 -15.81
N THR C 203 18.66 -49.13 -16.04
CA THR C 203 17.22 -48.92 -16.30
C THR C 203 16.73 -48.45 -17.68
N TYR C 204 17.38 -47.44 -18.25
CA TYR C 204 17.11 -47.02 -19.63
C TYR C 204 18.31 -47.11 -20.61
N GLY C 205 19.17 -48.10 -20.42
CA GLY C 205 20.17 -48.45 -21.41
C GLY C 205 21.42 -47.58 -21.44
N ASP C 206 21.63 -46.77 -20.41
CA ASP C 206 22.77 -45.85 -20.35
C ASP C 206 23.85 -46.33 -19.36
N VAL C 207 23.45 -47.14 -18.38
CA VAL C 207 24.37 -47.61 -17.35
C VAL C 207 25.01 -48.94 -17.75
N GLN C 208 26.31 -49.06 -17.49
CA GLN C 208 27.12 -50.18 -17.95
C GLN C 208 28.16 -50.55 -16.88
N ILE C 209 27.84 -51.56 -16.11
CA ILE C 209 28.54 -51.81 -14.87
C ILE C 209 29.87 -52.49 -15.12
N ASP C 210 30.80 -52.22 -14.21
CA ASP C 210 32.16 -52.70 -14.33
C ASP C 210 32.39 -53.94 -13.48
N CYS C 211 32.45 -55.10 -14.13
CA CYS C 211 32.61 -56.38 -13.44
C CYS C 211 33.95 -56.53 -12.72
N SER C 212 34.98 -55.89 -13.26
CA SER C 212 36.34 -56.00 -12.74
C SER C 212 36.42 -55.52 -11.28
N ASN C 213 35.66 -54.45 -10.97
CA ASN C 213 35.69 -53.82 -9.62
C ASN C 213 34.39 -53.80 -8.82
N ILE C 214 34.23 -54.68 -7.83
CA ILE C 214 32.95 -54.80 -7.14
C ILE C 214 33.26 -55.33 -5.74
N HIS C 215 32.35 -55.12 -4.80
CA HIS C 215 32.54 -55.63 -3.46
C HIS C 215 31.22 -56.11 -2.95
N VAL C 216 31.25 -57.30 -2.36
CA VAL C 216 30.11 -57.86 -1.67
C VAL C 216 30.59 -58.37 -0.32
N GLY C 217 29.89 -57.97 0.73
CA GLY C 217 30.32 -58.32 2.07
C GLY C 217 29.28 -57.95 3.10
N ILE C 218 29.57 -58.27 4.36
CA ILE C 218 28.73 -57.83 5.47
C ILE C 218 29.60 -57.02 6.42
N THR C 219 29.02 -55.93 6.92
CA THR C 219 29.73 -55.02 7.82
C THR C 219 29.23 -55.08 9.25
N LYS C 220 30.16 -55.07 10.21
CA LYS C 220 29.83 -55.09 11.62
C LYS C 220 29.53 -53.67 12.11
N GLY C 221 28.27 -53.26 11.97
CA GLY C 221 27.84 -51.92 12.36
C GLY C 221 28.09 -50.91 11.25
N LEU C 222 27.61 -49.68 11.42
CA LEU C 222 27.87 -48.58 10.46
C LEU C 222 28.42 -47.34 11.17
N ASN C 223 29.10 -46.51 10.40
CA ASN C 223 29.63 -45.22 10.88
C ASN C 223 28.56 -44.10 10.74
N ASP C 224 28.89 -42.90 11.21
CA ASP C 224 27.88 -41.84 11.36
C ASP C 224 27.20 -41.39 10.05
N TRP C 225 27.75 -41.81 8.91
CA TRP C 225 27.20 -41.45 7.62
C TRP C 225 26.77 -42.65 6.83
N ASN C 226 26.25 -43.65 7.55
CA ASN C 226 25.65 -44.84 6.97
C ASN C 226 26.53 -45.57 5.94
N TYR C 227 27.79 -45.72 6.29
CA TYR C 227 28.70 -46.47 5.45
C TYR C 227 29.26 -47.66 6.20
N PRO C 228 29.69 -48.69 5.46
CA PRO C 228 30.36 -49.86 6.00
C PRO C 228 31.66 -49.60 6.75
N VAL C 229 32.02 -50.56 7.60
CA VAL C 229 33.16 -50.46 8.51
C VAL C 229 34.10 -51.67 8.30
N SER C 230 33.55 -52.85 8.47
CA SER C 230 34.35 -54.08 8.36
C SER C 230 33.76 -55.12 7.36
N SER C 231 34.37 -55.33 6.19
CA SER C 231 33.76 -56.14 5.12
C SER C 231 34.19 -57.56 5.38
N GLU C 232 33.24 -58.39 5.82
CA GLU C 232 33.46 -59.82 5.98
C GLU C 232 32.75 -60.55 4.85
N SER C 233 32.96 -61.86 4.80
CA SER C 233 32.37 -62.70 3.78
C SER C 233 31.29 -63.56 4.43
N PHE C 234 30.38 -64.07 3.62
CA PHE C 234 29.21 -64.76 4.12
C PHE C 234 28.70 -65.58 2.95
N SER C 235 27.53 -66.19 3.07
CA SER C 235 27.06 -67.18 2.08
C SER C 235 26.17 -66.54 1.02
N TYR C 236 26.68 -66.39 -0.20
CA TYR C 236 25.91 -65.79 -1.28
C TYR C 236 26.42 -66.23 -2.64
N THR C 237 25.73 -65.77 -3.67
CA THR C 237 26.00 -66.09 -5.03
C THR C 237 26.17 -64.84 -5.89
N LYS C 238 27.32 -64.69 -6.55
CA LYS C 238 27.59 -63.45 -7.29
C LYS C 238 27.37 -63.56 -8.80
N THR C 239 26.89 -62.48 -9.41
CA THR C 239 26.73 -62.41 -10.91
C THR C 239 26.82 -61.02 -11.68
N CYS C 240 28.01 -60.62 -12.12
CA CYS C 240 28.16 -59.33 -12.80
C CYS C 240 27.66 -59.33 -14.24
N SER C 241 26.69 -58.46 -14.53
CA SER C 241 26.21 -58.28 -15.90
C SER C 241 26.32 -56.82 -16.30
N SER C 242 26.86 -56.58 -17.49
CA SER C 242 27.00 -55.22 -18.00
C SER C 242 25.76 -54.44 -17.62
N ASN C 243 24.63 -55.15 -17.60
CA ASN C 243 23.36 -54.61 -17.15
C ASN C 243 23.09 -54.42 -15.66
N GLY C 244 23.49 -55.41 -14.87
CA GLY C 244 23.28 -55.37 -13.42
C GLY C 244 24.02 -56.40 -12.59
N ILE C 245 24.09 -56.18 -11.27
CA ILE C 245 24.72 -57.12 -10.32
C ILE C 245 23.78 -57.44 -9.19
N PHE C 246 23.55 -58.73 -8.97
CA PHE C 246 22.61 -59.19 -7.95
C PHE C 246 23.26 -60.30 -7.16
N ILE C 247 22.92 -60.38 -5.87
CA ILE C 247 23.34 -61.51 -5.04
C ILE C 247 22.13 -62.10 -4.32
N THR C 248 22.19 -63.41 -4.06
CA THR C 248 21.21 -64.12 -3.21
C THR C 248 21.83 -64.82 -1.98
N TYR C 249 21.70 -64.18 -0.85
CA TYR C 249 22.53 -64.54 0.25
C TYR C 249 21.69 -65.33 1.20
N LYS C 250 22.36 -65.93 2.17
CA LYS C 250 21.70 -66.73 3.19
C LYS C 250 22.63 -66.91 4.38
N ASN C 251 22.07 -67.15 5.56
CA ASN C 251 22.86 -67.29 6.77
C ASN C 251 23.73 -66.09 7.13
N VAL C 252 23.11 -65.03 7.64
CA VAL C 252 23.83 -63.89 8.20
C VAL C 252 23.65 -63.87 9.72
N PRO C 253 24.53 -63.17 10.42
CA PRO C 253 24.46 -63.12 11.88
C PRO C 253 23.93 -61.78 12.39
N ALA C 254 23.35 -61.79 13.58
CA ALA C 254 22.81 -60.56 14.18
C ALA C 254 23.90 -59.51 14.37
N GLY C 255 23.61 -58.29 13.93
CA GLY C 255 24.50 -57.16 14.08
C GLY C 255 25.25 -56.83 12.81
N TYR C 256 24.96 -57.54 11.72
CA TYR C 256 25.69 -57.42 10.46
C TYR C 256 24.75 -56.98 9.33
N ARG C 257 25.26 -56.12 8.46
CA ARG C 257 24.48 -55.61 7.34
C ARG C 257 25.16 -55.99 6.04
N PRO C 258 24.44 -56.71 5.18
CA PRO C 258 24.96 -57.11 3.87
C PRO C 258 24.94 -55.94 2.87
N PHE C 259 26.02 -55.81 2.10
CA PHE C 259 26.12 -54.73 1.12
C PHE C 259 26.74 -55.12 -0.21
N VAL C 260 26.47 -54.36 -1.27
CA VAL C 260 27.08 -54.62 -2.57
C VAL C 260 27.58 -53.38 -3.31
N ASP C 261 28.87 -53.32 -3.61
CA ASP C 261 29.44 -52.20 -4.36
C ASP C 261 29.61 -52.49 -5.86
N ALA C 262 29.80 -51.43 -6.65
CA ALA C 262 30.01 -51.56 -8.08
C ALA C 262 30.48 -50.24 -8.73
N TYR C 263 31.56 -50.29 -9.51
CA TYR C 263 31.89 -49.18 -10.40
C TYR C 263 30.96 -49.25 -11.61
N ILE C 264 30.48 -48.09 -12.04
CA ILE C 264 29.59 -48.00 -13.22
C ILE C 264 29.99 -46.85 -14.17
N SER C 265 29.54 -46.96 -15.41
CA SER C 265 29.70 -45.91 -16.40
C SER C 265 28.31 -45.56 -16.90
N ALA C 266 27.83 -44.36 -16.61
CA ALA C 266 26.55 -43.89 -17.11
C ALA C 266 26.79 -42.76 -18.10
N THR C 267 25.87 -42.57 -19.04
CA THR C 267 26.09 -41.67 -20.17
C THR C 267 26.33 -40.24 -19.69
N ASP C 268 25.35 -39.69 -18.99
CA ASP C 268 25.52 -38.41 -18.29
C ASP C 268 25.59 -38.69 -16.79
N VAL C 269 26.80 -38.64 -16.23
CA VAL C 269 27.02 -39.03 -14.84
C VAL C 269 26.27 -38.15 -13.83
N ASN C 270 25.70 -37.03 -14.28
CA ASN C 270 24.93 -36.13 -13.41
C ASN C 270 23.40 -36.39 -13.48
N SER C 271 23.02 -37.48 -14.16
CA SER C 271 21.62 -37.85 -14.32
C SER C 271 21.67 -39.25 -14.89
N TYR C 272 21.07 -40.19 -14.18
CA TYR C 272 21.10 -41.60 -14.55
C TYR C 272 20.23 -42.35 -13.57
N THR C 273 19.63 -43.44 -14.02
CA THR C 273 18.68 -44.18 -13.19
C THR C 273 19.13 -45.61 -12.99
N LEU C 274 18.94 -46.11 -11.76
CA LEU C 274 19.16 -47.53 -11.45
C LEU C 274 17.91 -48.09 -10.77
N SER C 275 17.62 -49.37 -11.02
CA SER C 275 16.48 -50.05 -10.39
C SER C 275 17.05 -51.11 -9.45
N TYR C 276 16.59 -51.09 -8.21
CA TYR C 276 17.18 -51.91 -7.16
C TYR C 276 16.26 -53.06 -6.80
N ALA C 277 16.84 -54.26 -6.69
CA ALA C 277 16.11 -55.42 -6.18
C ALA C 277 16.17 -55.39 -4.66
N ASN C 278 15.09 -55.80 -3.99
CA ASN C 278 15.04 -55.73 -2.53
C ASN C 278 14.05 -56.75 -1.93
N GLU C 279 14.49 -58.01 -1.84
CA GLU C 279 13.76 -59.03 -1.10
C GLU C 279 14.61 -59.55 0.04
N TYR C 280 14.00 -59.77 1.19
CA TYR C 280 14.71 -60.35 2.30
C TYR C 280 13.77 -61.04 3.25
N THR C 281 14.32 -62.02 3.98
CA THR C 281 13.59 -62.67 5.06
C THR C 281 14.39 -62.58 6.35
N CYS C 282 13.91 -61.74 7.26
CA CYS C 282 14.60 -61.55 8.55
C CYS C 282 14.44 -62.76 9.47
N ALA C 283 15.39 -62.91 10.39
CA ALA C 283 15.36 -64.02 11.36
C ALA C 283 14.17 -63.86 12.33
N GLY C 284 13.04 -64.39 11.90
CA GLY C 284 11.75 -64.13 12.57
C GLY C 284 10.56 -64.14 11.61
N GLY C 285 10.80 -64.54 10.36
CA GLY C 285 9.74 -64.61 9.37
C GLY C 285 9.37 -63.25 8.81
N TYR C 286 10.33 -62.34 8.81
CA TYR C 286 10.11 -61.00 8.29
C TYR C 286 10.51 -61.19 6.83
N TRP C 287 9.54 -61.57 6.01
CA TRP C 287 9.79 -61.81 4.59
C TRP C 287 8.99 -60.88 3.70
N GLN C 288 9.68 -59.95 3.04
CA GLN C 288 9.05 -59.03 2.14
C GLN C 288 9.95 -58.74 0.97
N ARG C 289 9.27 -58.45 -0.13
CA ARG C 289 9.89 -57.97 -1.35
C ARG C 289 9.48 -56.50 -1.63
N ALA C 290 10.47 -55.62 -1.73
CA ALA C 290 10.23 -54.18 -1.95
C ALA C 290 11.20 -53.50 -2.94
N PRO C 291 11.09 -53.82 -4.25
CA PRO C 291 11.94 -53.20 -5.30
C PRO C 291 11.62 -51.72 -5.59
N PHE C 292 12.60 -51.00 -6.13
CA PHE C 292 12.42 -49.57 -6.45
C PHE C 292 13.40 -49.08 -7.51
N THR C 293 13.18 -47.87 -7.98
CA THR C 293 14.10 -47.21 -8.91
C THR C 293 14.54 -45.89 -8.31
N LEU C 294 15.80 -45.53 -8.52
CA LEU C 294 16.37 -44.30 -7.98
C LEU C 294 17.07 -43.49 -9.06
N ARG C 295 16.72 -42.21 -9.16
CA ARG C 295 17.40 -41.27 -10.05
C ARG C 295 18.52 -40.59 -9.27
N TRP C 296 19.73 -40.59 -9.86
CA TRP C 296 20.92 -40.01 -9.25
C TRP C 296 21.37 -38.79 -10.04
N THR C 297 21.55 -37.67 -9.33
CA THR C 297 21.88 -36.38 -9.95
C THR C 297 23.18 -35.83 -9.39
N GLY C 298 23.81 -34.89 -10.10
CA GLY C 298 25.18 -34.47 -9.80
C GLY C 298 25.24 -33.33 -8.82
N PHE C 299 26.44 -32.77 -8.66
CA PHE C 299 26.69 -31.69 -7.72
C PHE C 299 27.48 -30.56 -8.40
N ARG C 300 27.43 -29.40 -7.76
CA ARG C 300 28.05 -28.19 -8.29
C ARG C 300 29.54 -28.22 -8.02
N ASN C 301 30.33 -27.88 -9.03
CA ASN C 301 31.77 -27.75 -8.83
C ASN C 301 32.11 -26.38 -8.26
N SER C 302 33.29 -26.28 -7.65
CA SER C 302 33.77 -25.02 -7.12
C SER C 302 35.14 -24.73 -7.71
N ASP C 303 35.71 -23.59 -7.34
CA ASP C 303 36.95 -23.11 -7.91
C ASP C 303 38.02 -23.09 -6.82
N ALA C 304 39.28 -23.27 -7.22
CA ALA C 304 40.40 -23.12 -6.30
C ALA C 304 41.10 -21.77 -6.54
N GLY C 305 40.81 -20.78 -5.71
CA GLY C 305 41.45 -19.46 -5.82
C GLY C 305 42.70 -19.30 -4.97
N SER C 306 43.46 -18.25 -5.24
CA SER C 306 44.61 -17.90 -4.40
C SER C 306 44.84 -16.38 -4.46
N ASN C 307 45.11 -15.77 -3.30
CA ASN C 307 45.48 -14.35 -3.24
C ASN C 307 46.73 -14.17 -2.41
N GLY C 308 47.32 -12.98 -2.40
CA GLY C 308 48.54 -12.79 -1.63
C GLY C 308 49.19 -11.42 -1.68
N ILE C 309 50.24 -11.30 -0.88
CA ILE C 309 51.01 -10.07 -0.69
C ILE C 309 52.47 -10.43 -1.07
N VAL C 310 53.19 -9.49 -1.68
CA VAL C 310 54.61 -9.69 -1.95
C VAL C 310 55.49 -8.61 -1.32
N ILE C 311 56.67 -9.02 -0.88
CA ILE C 311 57.64 -8.10 -0.31
C ILE C 311 58.94 -8.09 -1.09
N VAL C 312 59.28 -6.95 -1.67
CA VAL C 312 60.57 -6.81 -2.37
C VAL C 312 61.75 -6.16 -1.64
N ALA C 313 62.88 -6.88 -1.59
CA ALA C 313 64.08 -6.44 -0.91
C ALA C 313 65.32 -6.69 -1.78
N GLY D 1 -64.22 29.09 -15.02
CA GLY D 1 -65.43 29.24 -14.16
C GLY D 1 -65.14 29.93 -12.84
N LYS D 2 -64.94 29.13 -11.79
CA LYS D 2 -64.89 29.66 -10.41
C LYS D 2 -63.47 29.72 -9.82
N THR D 3 -63.31 30.38 -8.68
CA THR D 3 -62.06 30.27 -7.94
C THR D 3 -62.21 29.08 -6.96
N ILE D 4 -61.26 28.14 -6.99
CA ILE D 4 -61.14 27.07 -5.95
C ILE D 4 -60.07 27.32 -4.89
N THR D 5 -60.17 26.61 -3.76
CA THR D 5 -59.25 26.79 -2.62
C THR D 5 -58.77 25.46 -2.03
N GLY D 6 -57.70 25.54 -1.24
CA GLY D 6 -57.18 24.38 -0.53
C GLY D 6 -56.28 23.47 -1.35
N VAL D 7 -56.10 23.75 -2.64
CA VAL D 7 -55.33 22.86 -3.51
C VAL D 7 -53.99 22.50 -2.87
N PHE D 8 -53.25 23.51 -2.44
CA PHE D 8 -52.05 23.25 -1.64
C PHE D 8 -52.47 22.96 -0.21
N ASN D 9 -52.25 21.73 0.25
CA ASN D 9 -52.84 21.29 1.53
C ASN D 9 -51.87 20.80 2.60
N SER D 10 -50.58 20.95 2.37
CA SER D 10 -49.60 20.47 3.34
C SER D 10 -48.24 21.11 3.10
N PHE D 11 -47.57 21.44 4.20
CA PHE D 11 -46.22 21.96 4.13
C PHE D 11 -45.31 20.80 4.48
N ASN D 12 -44.87 20.06 3.47
CA ASN D 12 -44.13 18.83 3.75
C ASN D 12 -42.76 19.10 4.34
N SER D 13 -42.09 20.13 3.86
CA SER D 13 -40.83 20.49 4.45
C SER D 13 -40.37 21.89 4.04
N LEU D 14 -39.39 22.38 4.78
CA LEU D 14 -38.76 23.64 4.49
C LEU D 14 -37.31 23.56 4.92
N THR D 15 -36.41 23.42 3.95
CA THR D 15 -34.99 23.19 4.20
C THR D 15 -34.11 24.19 3.43
N TRP D 16 -32.93 24.46 3.97
CA TRP D 16 -32.01 25.43 3.40
C TRP D 16 -30.97 24.80 2.51
N SER D 17 -30.76 25.38 1.33
CA SER D 17 -29.71 24.98 0.38
C SER D 17 -28.89 26.24 0.08
N ASN D 18 -27.87 26.46 0.90
CA ASN D 18 -26.92 27.56 0.75
C ASN D 18 -26.63 27.75 -0.73
N ALA D 19 -27.07 28.89 -1.29
CA ALA D 19 -26.83 29.18 -2.70
C ALA D 19 -25.36 29.57 -2.90
N ALA D 20 -24.92 30.60 -2.20
CA ALA D 20 -23.53 31.04 -2.25
C ALA D 20 -22.88 30.53 -0.97
N THR D 21 -21.75 31.11 -0.60
CA THR D 21 -21.05 30.71 0.61
C THR D 21 -21.40 31.49 1.88
N TYR D 22 -22.69 31.55 2.18
CA TYR D 22 -23.15 32.28 3.37
C TYR D 22 -22.73 31.52 4.61
N ASN D 23 -22.22 32.23 5.60
CA ASN D 23 -21.74 31.60 6.83
C ASN D 23 -22.81 31.51 7.92
N TYR D 24 -24.09 31.59 7.53
CA TYR D 24 -25.19 31.30 8.46
C TYR D 24 -26.49 30.90 7.75
N LYS D 25 -27.35 30.19 8.49
CA LYS D 25 -28.61 29.67 7.97
C LYS D 25 -29.74 30.64 8.27
N GLY D 26 -29.77 31.74 7.54
CA GLY D 26 -30.84 32.73 7.73
C GLY D 26 -31.90 32.66 6.64
N PRO D 27 -33.13 33.10 6.96
CA PRO D 27 -34.25 33.20 6.01
C PRO D 27 -33.96 34.15 4.83
N GLY D 28 -33.18 35.20 5.09
CA GLY D 28 -32.78 36.13 4.05
C GLY D 28 -31.68 35.59 3.15
N THR D 29 -31.08 34.47 3.54
CA THR D 29 -30.07 33.81 2.73
C THR D 29 -30.71 32.70 1.91
N PRO D 30 -30.53 32.73 0.59
CA PRO D 30 -31.01 31.66 -0.31
C PRO D 30 -30.15 30.40 -0.20
N THR D 31 -30.68 29.21 -0.52
CA THR D 31 -32.06 29.02 -1.00
C THR D 31 -32.88 28.14 -0.05
N TRP D 32 -34.13 28.52 0.20
CA TRP D 32 -35.02 27.69 1.00
C TRP D 32 -35.98 26.97 0.09
N ASN D 33 -35.98 25.65 0.20
CA ASN D 33 -36.86 24.83 -0.61
C ASN D 33 -38.11 24.48 0.18
N ALA D 34 -39.23 25.04 -0.27
CA ALA D 34 -40.54 24.70 0.28
C ALA D 34 -41.16 23.58 -0.56
N VAL D 35 -41.43 22.44 0.08
CA VAL D 35 -42.12 21.33 -0.57
C VAL D 35 -43.57 21.32 -0.10
N LEU D 36 -44.50 21.56 -1.02
CA LEU D 36 -45.92 21.63 -0.67
C LEU D 36 -46.71 20.52 -1.34
N GLY D 37 -47.64 19.92 -0.62
CA GLY D 37 -48.56 18.96 -1.19
C GLY D 37 -49.71 19.66 -1.90
N TRP D 38 -50.09 19.14 -3.06
CA TRP D 38 -51.22 19.68 -3.81
C TRP D 38 -52.15 18.57 -4.25
N SER D 39 -53.44 18.91 -4.32
CA SER D 39 -54.48 17.96 -4.73
C SER D 39 -55.52 18.64 -5.60
N LEU D 40 -55.72 18.15 -6.83
CA LEU D 40 -56.75 18.65 -7.72
C LEU D 40 -57.77 17.56 -8.01
N ASP D 41 -59.05 17.90 -7.88
CA ASP D 41 -60.11 16.93 -8.07
C ASP D 41 -61.04 17.31 -9.22
N GLY D 42 -61.05 16.49 -10.26
CA GLY D 42 -61.82 16.79 -11.47
C GLY D 42 -63.31 16.99 -11.22
N THR D 43 -63.84 16.28 -10.24
CA THR D 43 -65.27 16.37 -9.91
C THR D 43 -65.65 17.76 -9.37
N SER D 44 -64.68 18.42 -8.71
CA SER D 44 -64.89 19.77 -8.16
C SER D 44 -64.28 20.84 -9.06
N ALA D 45 -63.06 20.58 -9.50
CA ALA D 45 -62.26 21.59 -10.19
C ALA D 45 -62.38 21.38 -11.70
N SER D 46 -62.64 22.46 -12.43
CA SER D 46 -62.77 22.45 -13.88
C SER D 46 -61.59 23.18 -14.48
N PRO D 47 -61.25 22.86 -15.73
CA PRO D 47 -60.22 23.63 -16.42
C PRO D 47 -60.64 25.09 -16.55
N GLY D 48 -59.71 26.00 -16.29
CA GLY D 48 -60.01 27.43 -16.28
C GLY D 48 -60.10 28.01 -14.88
N ASP D 49 -60.58 27.20 -13.93
CA ASP D 49 -60.70 27.63 -12.54
C ASP D 49 -59.34 28.11 -12.02
N THR D 50 -59.36 28.97 -11.01
CA THR D 50 -58.16 29.60 -10.47
C THR D 50 -57.99 29.36 -8.99
N PHE D 51 -56.72 29.36 -8.56
CA PHE D 51 -56.37 29.36 -7.15
C PHE D 51 -55.07 30.12 -6.92
N THR D 52 -55.00 30.82 -5.78
CA THR D 52 -53.84 31.63 -5.41
C THR D 52 -53.28 31.20 -4.06
N LEU D 53 -51.98 30.92 -4.01
CA LEU D 53 -51.31 30.55 -2.77
C LEU D 53 -50.59 31.78 -2.28
N ASN D 54 -50.95 32.25 -1.09
CA ASN D 54 -50.39 33.51 -0.57
C ASN D 54 -49.26 33.22 0.43
N MET D 55 -48.09 33.80 0.20
CA MET D 55 -46.90 33.46 1.01
C MET D 55 -46.26 34.69 1.66
N PRO D 56 -46.67 35.03 2.89
CA PRO D 56 -46.14 36.21 3.59
C PRO D 56 -44.65 36.11 3.82
N CYS D 57 -43.97 37.25 3.79
CA CYS D 57 -42.55 37.34 4.15
C CYS D 57 -41.61 36.63 3.18
N VAL D 58 -42.10 36.30 1.99
CA VAL D 58 -41.27 35.70 0.95
C VAL D 58 -40.89 36.76 -0.06
N PHE D 59 -39.59 37.02 -0.17
CA PHE D 59 -39.10 38.11 -1.01
C PHE D 59 -39.25 37.81 -2.49
N MET D 60 -38.71 36.66 -2.89
CA MET D 60 -38.72 36.24 -4.28
C MET D 60 -38.39 34.75 -4.39
N PHE D 61 -38.64 34.21 -5.58
CA PHE D 61 -38.28 32.82 -5.91
C PHE D 61 -36.91 32.78 -6.59
N THR D 62 -35.98 32.05 -6.00
CA THR D 62 -34.60 32.01 -6.48
C THR D 62 -34.44 31.10 -7.70
N THR D 63 -35.22 31.40 -8.75
CA THR D 63 -35.13 30.69 -10.02
C THR D 63 -35.40 31.64 -11.19
N SER D 64 -34.85 31.33 -12.36
CA SER D 64 -35.05 32.15 -13.55
C SER D 64 -36.45 31.95 -14.11
N GLN D 65 -37.09 30.87 -13.70
CA GLN D 65 -38.39 30.49 -14.25
C GLN D 65 -39.47 31.48 -13.81
N THR D 66 -40.47 31.66 -14.66
CA THR D 66 -41.58 32.57 -14.36
C THR D 66 -42.81 31.80 -13.88
N SER D 67 -42.80 30.47 -14.13
CA SER D 67 -43.87 29.57 -13.70
C SER D 67 -43.42 28.16 -13.41
N VAL D 68 -44.30 27.46 -12.70
CA VAL D 68 -44.10 26.08 -12.35
C VAL D 68 -45.40 25.36 -12.63
N ASP D 69 -45.30 24.14 -13.14
CA ASP D 69 -46.47 23.37 -13.50
C ASP D 69 -46.70 22.30 -12.45
N LEU D 70 -47.97 22.07 -12.14
CA LEU D 70 -48.38 21.00 -11.25
C LEU D 70 -48.46 19.74 -12.07
N THR D 71 -47.35 19.01 -12.09
CA THR D 71 -47.21 17.84 -12.96
C THR D 71 -47.30 16.56 -12.16
N ALA D 72 -48.21 15.69 -12.59
CA ALA D 72 -48.34 14.36 -12.03
C ALA D 72 -47.99 13.34 -13.12
N HIS D 73 -46.93 12.56 -12.91
CA HIS D 73 -46.55 11.52 -13.86
C HIS D 73 -46.32 12.04 -15.30
N GLY D 74 -45.61 13.16 -15.47
CA GLY D 74 -45.39 13.70 -16.83
C GLY D 74 -46.51 14.51 -17.46
N VAL D 75 -47.71 14.54 -16.87
CA VAL D 75 -48.79 15.38 -17.41
C VAL D 75 -49.12 16.61 -16.56
N LYS D 76 -49.27 17.75 -17.20
CA LYS D 76 -49.43 19.02 -16.49
C LYS D 76 -50.93 19.16 -16.26
N TYR D 77 -51.36 19.28 -15.00
CA TYR D 77 -52.77 19.49 -14.66
C TYR D 77 -53.07 20.92 -14.17
N ALA D 78 -52.03 21.75 -14.00
CA ALA D 78 -52.20 23.18 -13.68
C ALA D 78 -50.92 23.97 -13.91
N THR D 79 -51.05 25.24 -14.33
CA THR D 79 -49.88 26.12 -14.49
C THR D 79 -49.92 27.25 -13.47
N CYS D 80 -48.80 27.46 -12.78
CA CYS D 80 -48.74 28.37 -11.63
C CYS D 80 -47.74 29.52 -11.80
N GLN D 81 -48.21 30.76 -11.97
CA GLN D 81 -47.29 31.90 -12.25
C GLN D 81 -46.75 32.46 -10.93
N PHE D 82 -45.41 32.63 -10.87
CA PHE D 82 -44.70 33.26 -9.75
C PHE D 82 -44.88 34.75 -9.88
N GLN D 83 -45.20 35.39 -8.76
CA GLN D 83 -45.18 36.83 -8.73
C GLN D 83 -44.58 37.34 -7.43
N ALA D 84 -43.29 37.72 -7.50
CA ALA D 84 -42.47 38.06 -6.33
C ALA D 84 -43.06 39.29 -5.65
N GLY D 85 -42.71 39.48 -4.37
CA GLY D 85 -43.05 40.69 -3.64
C GLY D 85 -41.93 41.67 -3.90
N GLU D 86 -40.69 41.22 -3.70
CA GLU D 86 -39.52 42.07 -3.87
C GLU D 86 -39.73 43.30 -2.97
N GLU D 87 -39.68 44.50 -3.56
CA GLU D 87 -39.94 45.73 -2.84
C GLU D 87 -41.25 46.37 -3.24
N PHE D 88 -42.12 45.57 -3.83
CA PHE D 88 -43.46 46.01 -4.20
C PHE D 88 -44.40 45.67 -3.01
N MET D 89 -44.27 44.47 -2.45
CA MET D 89 -45.17 44.03 -1.35
C MET D 89 -44.44 43.10 -0.38
N THR D 90 -45.01 42.92 0.81
CA THR D 90 -44.38 42.12 1.87
C THR D 90 -44.48 40.61 1.63
N PHE D 91 -45.30 40.21 0.67
CA PHE D 91 -45.62 38.82 0.42
C PHE D 91 -45.36 38.50 -1.05
N SER D 92 -45.26 37.22 -1.36
CA SER D 92 -45.28 36.75 -2.74
C SER D 92 -46.47 35.82 -2.87
N THR D 93 -46.89 35.55 -4.10
CA THR D 93 -48.01 34.65 -4.35
C THR D 93 -47.72 33.70 -5.48
N LEU D 94 -48.55 32.66 -5.55
CA LEU D 94 -48.59 31.76 -6.70
C LEU D 94 -49.98 31.82 -7.29
N THR D 95 -50.13 32.49 -8.43
CA THR D 95 -51.39 32.52 -9.12
C THR D 95 -51.44 31.36 -10.09
N CYS D 96 -52.39 30.45 -9.90
CA CYS D 96 -52.48 29.25 -10.72
C CYS D 96 -53.76 29.13 -11.53
N THR D 97 -53.72 28.22 -12.51
CA THR D 97 -54.85 27.97 -13.40
C THR D 97 -54.95 26.48 -13.74
N VAL D 98 -56.16 25.94 -13.66
CA VAL D 98 -56.38 24.53 -13.96
C VAL D 98 -56.25 24.27 -15.46
N SER D 99 -55.54 23.19 -15.82
CA SER D 99 -55.34 22.81 -17.21
C SER D 99 -56.48 21.95 -17.72
N ASN D 100 -56.55 21.75 -19.03
CA ASN D 100 -57.65 21.00 -19.64
C ASN D 100 -57.61 19.51 -19.38
N THR D 101 -56.47 19.04 -18.90
CA THR D 101 -56.26 17.63 -18.66
C THR D 101 -57.01 17.13 -17.44
N LEU D 102 -57.54 18.04 -16.61
CA LEU D 102 -58.26 17.63 -15.42
C LEU D 102 -59.75 17.46 -15.71
N THR D 103 -60.10 16.29 -16.25
CA THR D 103 -61.48 15.94 -16.54
C THR D 103 -62.15 15.48 -15.26
N PRO D 104 -63.49 15.49 -15.24
CA PRO D 104 -64.23 15.04 -14.05
C PRO D 104 -63.94 13.60 -13.64
N SER D 105 -63.16 12.88 -14.44
CA SER D 105 -62.76 11.52 -14.11
C SER D 105 -61.44 11.50 -13.38
N ILE D 106 -60.66 12.56 -13.50
CA ILE D 106 -59.27 12.60 -13.00
C ILE D 106 -59.11 13.28 -11.62
N LYS D 107 -58.39 12.61 -10.71
CA LYS D 107 -57.95 13.25 -9.44
C LYS D 107 -56.42 13.20 -9.43
N ALA D 108 -55.79 14.36 -9.34
CA ALA D 108 -54.33 14.41 -9.34
C ALA D 108 -53.82 14.86 -7.98
N LEU D 109 -52.77 14.23 -7.49
CA LEU D 109 -52.14 14.79 -6.30
C LEU D 109 -50.71 14.38 -6.11
N GLY D 110 -49.94 15.28 -5.52
CA GLY D 110 -48.50 15.24 -5.58
C GLY D 110 -47.89 16.36 -4.78
N THR D 111 -46.60 16.60 -5.04
CA THR D 111 -45.86 17.62 -4.31
C THR D 111 -45.26 18.60 -5.31
N VAL D 112 -44.96 19.80 -4.83
CA VAL D 112 -44.22 20.77 -5.62
C VAL D 112 -43.14 21.40 -4.76
N THR D 113 -41.96 21.61 -5.34
CA THR D 113 -40.85 22.21 -4.62
C THR D 113 -40.61 23.63 -5.11
N LEU D 114 -40.32 24.55 -4.20
CA LEU D 114 -40.27 25.96 -4.51
C LEU D 114 -39.07 26.62 -3.85
N PRO D 115 -38.11 27.05 -4.66
CA PRO D 115 -36.92 27.72 -4.12
C PRO D 115 -37.23 29.15 -3.70
N LEU D 116 -37.15 29.44 -2.41
CA LEU D 116 -37.49 30.79 -1.92
C LEU D 116 -36.47 31.43 -0.96
N VAL D 117 -36.47 32.77 -0.97
CA VAL D 117 -35.67 33.57 -0.05
C VAL D 117 -36.61 34.54 0.65
N PHE D 118 -36.45 34.68 1.94
CA PHE D 118 -37.36 35.47 2.72
C PHE D 118 -36.98 36.92 2.94
N ASN D 119 -37.95 37.73 3.32
CA ASN D 119 -37.71 39.14 3.58
C ASN D 119 -37.77 39.54 5.05
N VAL D 120 -36.58 39.66 5.56
CA VAL D 120 -36.26 39.95 6.91
C VAL D 120 -35.48 41.26 6.94
N GLY D 121 -35.73 42.09 5.96
CA GLY D 121 -35.23 43.43 6.01
C GLY D 121 -34.31 43.70 4.90
N GLY D 122 -33.65 44.82 4.94
CA GLY D 122 -32.66 45.14 3.94
C GLY D 122 -32.56 46.46 3.25
N THR D 123 -33.30 47.44 3.72
CA THR D 123 -33.17 48.79 3.22
C THR D 123 -34.10 49.46 4.19
N GLY D 124 -34.47 50.69 3.90
CA GLY D 124 -35.57 51.31 4.63
C GLY D 124 -37.02 51.38 4.21
N SER D 125 -37.31 50.90 3.01
CA SER D 125 -38.67 50.91 2.49
C SER D 125 -39.69 50.31 3.46
N SER D 126 -40.93 50.80 3.40
CA SER D 126 -41.99 50.34 4.29
C SER D 126 -42.09 48.81 4.25
N VAL D 127 -41.80 48.22 3.10
CA VAL D 127 -41.90 46.77 2.89
C VAL D 127 -40.88 45.98 3.72
N ASP D 128 -39.59 46.28 3.54
CA ASP D 128 -38.53 45.60 4.28
C ASP D 128 -38.56 45.91 5.77
N LEU D 129 -39.16 47.04 6.14
CA LEU D 129 -39.20 47.45 7.56
C LEU D 129 -40.23 46.64 8.32
N GLU D 130 -41.33 46.32 7.68
CA GLU D 130 -42.38 45.51 8.30
C GLU D 130 -41.99 44.03 8.31
N ASP D 131 -41.29 43.61 7.26
CA ASP D 131 -40.83 42.23 7.14
C ASP D 131 -39.58 41.97 7.99
N SER D 132 -38.99 43.03 8.53
CA SER D 132 -37.83 42.89 9.40
C SER D 132 -38.22 42.43 10.80
N LYS D 133 -39.51 42.43 11.09
CA LYS D 133 -40.03 41.93 12.36
C LYS D 133 -40.76 40.60 12.18
N CYS D 134 -40.58 39.97 11.03
CA CYS D 134 -41.39 38.81 10.69
C CYS D 134 -40.89 37.50 11.32
N PHE D 135 -39.57 37.29 11.34
CA PHE D 135 -38.95 36.12 12.01
C PHE D 135 -37.87 36.52 13.00
N THR D 136 -37.48 35.56 13.85
CA THR D 136 -36.35 35.76 14.76
C THR D 136 -35.44 34.52 14.67
N ALA D 137 -34.20 34.64 15.13
CA ALA D 137 -33.21 33.58 15.05
C ALA D 137 -33.44 32.52 16.09
N GLY D 138 -34.54 31.81 15.90
CA GLY D 138 -34.67 30.47 16.53
C GLY D 138 -35.58 29.49 15.79
N THR D 139 -36.34 28.71 16.54
CA THR D 139 -37.41 27.89 15.96
C THR D 139 -38.59 28.80 15.63
N ASN D 140 -38.93 28.85 14.34
CA ASN D 140 -39.97 29.74 13.82
C ASN D 140 -41.05 28.90 13.15
N THR D 141 -42.27 29.44 13.13
CA THR D 141 -43.39 28.85 12.42
C THR D 141 -43.65 29.67 11.16
N VAL D 142 -43.58 29.00 10.00
CA VAL D 142 -43.82 29.63 8.70
C VAL D 142 -45.17 29.15 8.17
N THR D 143 -46.01 30.12 7.77
CA THR D 143 -47.36 29.80 7.39
C THR D 143 -47.69 30.42 6.02
N PHE D 144 -48.14 29.59 5.10
CA PHE D 144 -48.68 30.07 3.84
C PHE D 144 -50.17 29.84 3.91
N ASN D 145 -50.91 30.44 2.99
CA ASN D 145 -52.33 30.17 2.92
C ASN D 145 -52.89 30.09 1.51
N ASP D 146 -53.57 28.99 1.23
CA ASP D 146 -54.20 28.75 -0.05
C ASP D 146 -55.63 29.29 0.03
N GLY D 147 -55.72 30.62 0.00
CA GLY D 147 -56.98 31.37 0.06
C GLY D 147 -57.61 31.25 1.44
N GLY D 148 -56.84 31.58 2.47
CA GLY D 148 -57.34 31.54 3.83
C GLY D 148 -57.21 30.18 4.52
N LYS D 149 -57.27 29.09 3.74
CA LYS D 149 -57.01 27.77 4.30
C LYS D 149 -55.49 27.73 4.47
N LYS D 150 -55.02 27.68 5.71
CA LYS D 150 -53.61 27.87 6.05
C LYS D 150 -52.82 26.56 6.11
N ILE D 151 -51.52 26.63 5.78
CA ILE D 151 -50.59 25.50 5.98
C ILE D 151 -49.31 25.98 6.65
N SER D 152 -48.91 25.33 7.75
CA SER D 152 -47.79 25.79 8.57
C SER D 152 -46.72 24.74 8.72
N ILE D 153 -45.54 25.17 9.10
CA ILE D 153 -44.43 24.27 9.36
C ILE D 153 -43.45 24.99 10.27
N ASN D 154 -42.67 24.23 11.05
CA ASN D 154 -41.62 24.81 11.89
C ASN D 154 -40.26 24.67 11.26
N VAL D 155 -39.38 25.64 11.51
CA VAL D 155 -38.07 25.66 10.91
C VAL D 155 -37.09 26.42 11.80
N ASP D 156 -35.83 25.98 11.83
CA ASP D 156 -34.80 26.63 12.63
C ASP D 156 -34.05 27.66 11.80
N PHE D 157 -33.99 28.90 12.28
CA PHE D 157 -33.23 29.96 11.64
C PHE D 157 -32.06 30.33 12.54
N GLU D 158 -30.91 30.62 11.92
CA GLU D 158 -29.74 31.07 12.64
C GLU D 158 -29.56 32.56 12.44
N ARG D 159 -28.94 33.20 13.41
CA ARG D 159 -28.55 34.58 13.41
C ARG D 159 -27.49 34.83 12.38
N SER D 160 -27.06 36.08 12.24
CA SER D 160 -25.84 36.35 11.47
C SER D 160 -24.57 36.15 12.31
N ASN D 161 -23.54 35.63 11.65
CA ASN D 161 -22.22 35.49 12.25
C ASN D 161 -21.46 36.83 12.31
N VAL D 162 -21.83 37.78 11.45
CA VAL D 162 -21.20 39.10 11.45
C VAL D 162 -21.54 39.85 12.74
N ASP D 163 -20.49 40.30 13.42
CA ASP D 163 -20.60 40.96 14.68
C ASP D 163 -21.16 42.35 14.44
N PRO D 164 -22.29 42.68 15.08
CA PRO D 164 -22.98 43.95 14.82
C PRO D 164 -22.25 45.23 15.34
N LYS D 165 -21.21 45.11 16.17
CA LYS D 165 -20.56 46.35 16.64
C LYS D 165 -19.79 47.08 15.54
N GLY D 166 -19.49 46.38 14.45
CA GLY D 166 -18.70 46.97 13.37
C GLY D 166 -19.59 47.48 12.25
N TYR D 167 -18.95 47.86 11.16
CA TYR D 167 -19.69 48.27 9.96
C TYR D 167 -20.33 47.05 9.34
N LEU D 168 -21.51 47.22 8.76
CA LEU D 168 -22.30 46.12 8.23
C LEU D 168 -22.80 46.43 6.82
N THR D 169 -22.54 45.52 5.89
CA THR D 169 -23.06 45.63 4.53
C THR D 169 -23.73 44.34 4.03
N ASP D 170 -24.69 44.52 3.14
CA ASP D 170 -25.46 43.44 2.55
C ASP D 170 -25.79 43.89 1.14
N SER D 171 -26.28 42.97 0.33
CA SER D 171 -26.68 43.30 -1.02
C SER D 171 -27.67 42.27 -1.51
N ARG D 172 -28.71 42.74 -2.19
CA ARG D 172 -29.78 41.87 -2.66
C ARG D 172 -30.15 42.25 -4.08
N VAL D 173 -30.26 41.23 -4.92
CA VAL D 173 -30.53 41.42 -6.34
C VAL D 173 -32.01 41.40 -6.60
N ILE D 174 -32.57 42.57 -6.90
CA ILE D 174 -33.92 42.66 -7.41
C ILE D 174 -34.05 42.47 -8.91
N PRO D 175 -34.68 41.38 -9.34
CA PRO D 175 -34.72 41.01 -10.76
C PRO D 175 -35.78 41.59 -11.70
N SER D 176 -36.69 42.41 -11.18
CA SER D 176 -37.74 43.00 -11.98
C SER D 176 -37.28 44.35 -12.52
N LEU D 177 -36.52 45.07 -11.69
CA LEU D 177 -36.00 46.36 -12.10
C LEU D 177 -34.60 46.19 -12.66
N ASN D 178 -34.14 44.94 -12.73
CA ASN D 178 -32.76 44.63 -13.08
C ASN D 178 -31.71 45.41 -12.28
N LYS D 179 -31.98 45.62 -10.99
CA LYS D 179 -31.06 46.39 -10.15
C LYS D 179 -30.76 45.68 -8.84
N VAL D 180 -29.63 46.01 -8.22
CA VAL D 180 -29.27 45.37 -6.96
C VAL D 180 -29.68 46.39 -5.88
N SER D 181 -30.04 45.91 -4.70
CA SER D 181 -30.09 46.81 -3.56
C SER D 181 -28.94 46.55 -2.60
N THR D 182 -28.21 47.58 -2.25
CA THR D 182 -27.14 47.45 -1.26
C THR D 182 -27.41 48.31 -0.04
N LEU D 183 -26.78 47.95 1.07
CA LEU D 183 -26.97 48.65 2.34
C LEU D 183 -25.65 48.88 3.06
N PHE D 184 -25.58 49.97 3.80
CA PHE D 184 -24.43 50.30 4.61
C PHE D 184 -24.86 50.88 5.95
N VAL D 185 -24.29 50.34 7.02
CA VAL D 185 -24.61 50.73 8.37
C VAL D 185 -23.30 50.98 9.09
N ALA D 186 -23.12 52.17 9.63
CA ALA D 186 -21.83 52.55 10.22
C ALA D 186 -21.57 51.77 11.52
N PRO D 187 -20.29 51.68 11.96
CA PRO D 187 -19.99 50.92 13.19
C PRO D 187 -20.70 51.49 14.42
N GLN D 188 -20.92 50.63 15.40
CA GLN D 188 -21.75 50.96 16.56
C GLN D 188 -21.09 51.90 17.56
N CYS D 189 -21.67 53.10 17.67
CA CYS D 189 -21.28 54.06 18.69
C CYS D 189 -22.31 54.00 19.80
N ALA D 190 -22.06 53.13 20.77
CA ALA D 190 -23.04 52.80 21.82
C ALA D 190 -23.72 54.00 22.51
N ASN D 191 -22.98 55.10 22.65
CA ASN D 191 -23.49 56.30 23.32
C ASN D 191 -23.96 57.40 22.39
N GLY D 192 -23.93 57.14 21.09
CA GLY D 192 -24.37 58.09 20.10
C GLY D 192 -23.22 58.59 19.26
N TYR D 193 -23.56 59.33 18.21
CA TYR D 193 -22.59 59.82 17.24
C TYR D 193 -22.47 61.33 17.28
N THR D 194 -21.29 61.84 17.62
CA THR D 194 -21.04 63.26 17.57
C THR D 194 -21.18 63.83 16.17
N SER D 195 -20.66 63.07 15.20
CA SER D 195 -20.90 63.35 13.80
C SER D 195 -20.30 62.17 13.01
N GLY D 196 -20.36 62.24 11.69
CA GLY D 196 -19.62 61.30 10.85
C GLY D 196 -19.94 61.44 9.38
N THR D 197 -19.23 60.67 8.57
CA THR D 197 -19.48 60.59 7.13
C THR D 197 -19.58 59.11 6.75
N MET D 198 -20.45 58.82 5.78
CA MET D 198 -20.56 57.46 5.25
C MET D 198 -21.13 57.47 3.84
N GLY D 199 -20.85 56.41 3.10
CA GLY D 199 -21.43 56.20 1.78
C GLY D 199 -20.65 55.18 0.98
N PHE D 200 -21.05 54.98 -0.27
CA PHE D 200 -20.35 54.08 -1.17
C PHE D 200 -20.38 54.56 -2.62
N ALA D 201 -19.27 54.34 -3.34
CA ALA D 201 -19.10 54.81 -4.71
C ALA D 201 -18.62 53.73 -5.71
N ASN D 202 -18.90 54.00 -7.00
CA ASN D 202 -18.63 53.11 -8.13
C ASN D 202 -17.14 53.01 -8.44
N THR D 203 -16.55 51.84 -8.22
CA THR D 203 -15.09 51.70 -8.18
C THR D 203 -14.52 51.64 -9.61
N TYR D 204 -14.73 50.54 -10.33
CA TYR D 204 -14.09 50.38 -11.64
C TYR D 204 -15.01 50.81 -12.79
N GLY D 205 -15.89 51.77 -12.52
CA GLY D 205 -16.64 52.42 -13.59
C GLY D 205 -17.84 51.68 -14.15
N ASP D 206 -18.27 50.61 -13.48
CA ASP D 206 -19.38 49.76 -13.95
C ASP D 206 -20.66 49.97 -13.15
N VAL D 207 -20.54 50.52 -11.94
CA VAL D 207 -21.69 50.74 -11.08
C VAL D 207 -22.32 52.11 -11.32
N GLN D 208 -23.65 52.14 -11.32
CA GLN D 208 -24.43 53.36 -11.47
C GLN D 208 -25.39 53.35 -10.29
N ILE D 209 -25.58 54.53 -9.68
CA ILE D 209 -26.38 54.76 -8.49
C ILE D 209 -27.73 55.40 -8.84
N ASP D 210 -28.81 54.74 -8.44
CA ASP D 210 -30.14 55.22 -8.82
C ASP D 210 -30.55 56.22 -7.75
N CYS D 211 -30.43 57.51 -8.07
CA CYS D 211 -30.62 58.56 -7.06
C CYS D 211 -32.09 58.78 -6.68
N SER D 212 -33.02 58.26 -7.49
CA SER D 212 -34.47 58.33 -7.24
C SER D 212 -35.02 57.22 -6.30
N ASN D 213 -34.21 56.20 -5.97
CA ASN D 213 -34.60 55.18 -4.96
C ASN D 213 -33.54 54.95 -3.89
N ILE D 214 -33.50 55.82 -2.90
CA ILE D 214 -32.51 55.75 -1.82
C ILE D 214 -33.14 56.04 -0.46
N HIS D 215 -32.56 55.50 0.60
CA HIS D 215 -33.10 55.67 1.93
C HIS D 215 -31.94 56.06 2.80
N VAL D 216 -32.14 57.09 3.61
CA VAL D 216 -31.18 57.49 4.64
C VAL D 216 -31.95 57.70 5.92
N GLY D 217 -31.48 57.08 7.00
CA GLY D 217 -32.20 57.11 8.25
C GLY D 217 -31.39 56.53 9.38
N ILE D 218 -31.97 56.57 10.58
CA ILE D 218 -31.39 55.89 11.74
C ILE D 218 -32.39 54.89 12.29
N THR D 219 -31.88 53.71 12.66
CA THR D 219 -32.69 52.61 13.20
C THR D 219 -32.35 52.41 14.67
N LYS D 220 -33.36 52.18 15.48
CA LYS D 220 -33.17 51.93 16.90
C LYS D 220 -32.85 50.45 17.15
N GLY D 221 -31.57 50.09 17.04
CA GLY D 221 -31.13 48.70 17.21
C GLY D 221 -31.34 47.94 15.91
N LEU D 222 -31.09 46.63 15.94
CA LEU D 222 -31.20 45.79 14.73
C LEU D 222 -31.89 44.46 15.02
N ASN D 223 -32.39 43.82 13.96
CA ASN D 223 -32.95 42.46 14.07
C ASN D 223 -31.81 41.44 14.04
N ASP D 224 -32.15 40.15 14.04
CA ASP D 224 -31.14 39.05 14.17
C ASP D 224 -30.19 38.87 12.96
N TRP D 225 -30.50 39.51 11.83
CA TRP D 225 -29.67 39.43 10.64
C TRP D 225 -29.12 40.79 10.25
N ASN D 226 -28.81 41.58 11.26
CA ASN D 226 -28.15 42.86 11.12
C ASN D 226 -28.83 43.79 10.11
N TYR D 227 -30.16 43.84 10.14
CA TYR D 227 -30.91 44.76 9.29
C TYR D 227 -31.65 45.77 10.16
N PRO D 228 -31.93 46.95 9.60
CA PRO D 228 -32.74 47.99 10.25
C PRO D 228 -34.12 47.49 10.70
N VAL D 229 -34.57 47.92 11.87
CA VAL D 229 -35.93 47.61 12.34
C VAL D 229 -36.85 48.83 12.21
N SER D 230 -36.29 50.04 12.08
CA SER D 230 -37.06 51.26 11.86
C SER D 230 -36.20 52.29 11.14
N SER D 231 -36.85 53.22 10.46
CA SER D 231 -36.12 54.35 9.89
C SER D 231 -36.67 55.69 10.35
N GLU D 232 -35.88 56.40 11.14
CA GLU D 232 -36.20 57.79 11.54
C GLU D 232 -35.29 58.77 10.78
N SER D 233 -35.54 60.07 10.95
CA SER D 233 -34.76 61.09 10.29
C SER D 233 -33.90 61.72 11.36
N PHE D 234 -32.84 62.40 10.92
CA PHE D 234 -31.86 62.97 11.84
C PHE D 234 -31.20 64.14 11.12
N SER D 235 -30.17 64.78 11.67
CA SER D 235 -29.37 65.77 10.89
C SER D 235 -28.25 65.32 9.94
N TYR D 236 -28.46 65.45 8.64
CA TYR D 236 -27.46 65.07 7.65
C TYR D 236 -27.52 65.92 6.37
N THR D 237 -26.43 65.90 5.62
CA THR D 237 -26.38 66.48 4.29
C THR D 237 -26.33 65.31 3.33
N LYS D 238 -26.67 65.59 2.10
CA LYS D 238 -26.77 64.54 1.11
C LYS D 238 -26.24 64.88 -0.28
N THR D 239 -25.30 64.06 -0.76
CA THR D 239 -24.70 64.21 -2.11
C THR D 239 -24.84 63.02 -3.09
N CYS D 240 -26.03 62.87 -3.64
CA CYS D 240 -26.27 61.73 -4.52
C CYS D 240 -25.68 61.93 -5.94
N SER D 241 -24.49 61.39 -6.10
CA SER D 241 -23.80 61.39 -7.36
C SER D 241 -24.07 60.03 -8.01
N SER D 242 -24.25 59.96 -9.34
CA SER D 242 -24.44 58.66 -9.99
C SER D 242 -23.17 57.80 -9.90
N ASN D 243 -22.05 58.42 -9.54
CA ASN D 243 -20.87 57.67 -9.19
C ASN D 243 -21.03 57.11 -7.80
N GLY D 244 -21.58 57.91 -6.89
CA GLY D 244 -21.67 57.47 -5.51
C GLY D 244 -22.40 58.39 -4.56
N ILE D 245 -23.02 57.80 -3.55
CA ILE D 245 -23.93 58.52 -2.64
C ILE D 245 -23.29 58.56 -1.27
N PHE D 246 -23.21 59.77 -0.72
CA PHE D 246 -22.54 60.00 0.55
C PHE D 246 -23.40 60.94 1.40
N ILE D 247 -23.34 60.76 2.71
CA ILE D 247 -23.97 61.68 3.64
C ILE D 247 -22.97 62.10 4.69
N THR D 248 -23.13 63.32 5.20
CA THR D 248 -22.39 63.79 6.37
C THR D 248 -23.45 64.11 7.40
N TYR D 249 -23.39 63.42 8.54
CA TYR D 249 -24.43 63.57 9.54
C TYR D 249 -24.02 64.20 10.86
N LYS D 250 -25.00 64.63 11.65
CA LYS D 250 -24.72 65.23 12.93
C LYS D 250 -25.14 64.36 14.11
N ASN D 251 -25.14 64.98 15.29
CA ASN D 251 -25.49 64.34 16.55
C ASN D 251 -26.58 63.29 16.38
N VAL D 252 -26.26 62.06 16.72
CA VAL D 252 -27.19 60.93 16.60
C VAL D 252 -27.31 60.40 18.03
N PRO D 253 -28.55 60.32 18.56
CA PRO D 253 -28.72 59.84 19.94
C PRO D 253 -28.24 58.40 20.18
N ALA D 254 -28.03 58.09 21.46
CA ALA D 254 -27.60 56.77 21.90
C ALA D 254 -28.68 55.72 21.65
N GLY D 255 -28.30 54.60 21.05
CA GLY D 255 -29.20 53.48 20.76
C GLY D 255 -29.65 53.43 19.31
N TYR D 256 -29.08 54.31 18.49
CA TYR D 256 -29.47 54.46 17.10
C TYR D 256 -28.31 54.23 16.13
N ARG D 257 -28.60 53.56 15.02
CA ARG D 257 -27.57 53.30 14.01
C ARG D 257 -27.95 53.95 12.69
N PRO D 258 -27.08 54.83 12.17
CA PRO D 258 -27.31 55.50 10.89
C PRO D 258 -27.05 54.57 9.70
N PHE D 259 -27.92 54.62 8.70
CA PHE D 259 -27.76 53.77 7.51
C PHE D 259 -28.14 54.47 6.22
N VAL D 260 -27.63 53.92 5.12
CA VAL D 260 -27.95 54.37 3.77
C VAL D 260 -28.18 53.18 2.82
N ASP D 261 -29.24 53.28 2.03
CA ASP D 261 -29.59 52.25 1.06
C ASP D 261 -29.78 52.86 -0.33
N ALA D 262 -29.29 52.17 -1.34
CA ALA D 262 -29.38 52.66 -2.72
C ALA D 262 -29.64 51.53 -3.73
N TYR D 263 -30.52 51.76 -4.70
CA TYR D 263 -30.61 50.86 -5.86
C TYR D 263 -29.44 51.14 -6.78
N ILE D 264 -28.83 50.06 -7.29
CA ILE D 264 -27.71 50.17 -8.23
C ILE D 264 -27.86 49.38 -9.52
N SER D 265 -27.10 49.77 -10.54
CA SER D 265 -27.01 48.97 -11.76
C SER D 265 -25.56 48.69 -12.14
N ALA D 266 -25.07 47.51 -11.76
CA ALA D 266 -23.70 47.11 -12.06
C ALA D 266 -23.65 46.11 -13.22
N THR D 267 -22.64 46.25 -14.08
CA THR D 267 -22.48 45.37 -15.22
C THR D 267 -22.60 43.91 -14.80
N ASP D 268 -21.64 43.44 -14.01
CA ASP D 268 -21.65 42.06 -13.53
C ASP D 268 -22.54 41.90 -12.31
N VAL D 269 -23.81 41.58 -12.53
CA VAL D 269 -24.76 41.41 -11.45
C VAL D 269 -24.32 40.29 -10.50
N ASN D 270 -23.14 39.72 -10.78
CA ASN D 270 -22.60 38.65 -9.95
C ASN D 270 -21.16 38.92 -9.53
N SER D 271 -20.67 40.10 -9.85
CA SER D 271 -19.30 40.48 -9.51
C SER D 271 -19.32 41.97 -9.81
N TYR D 272 -18.87 42.75 -8.83
CA TYR D 272 -18.87 44.20 -8.93
C TYR D 272 -18.24 44.70 -7.65
N THR D 273 -17.62 45.87 -7.70
CA THR D 273 -16.92 46.40 -6.54
C THR D 273 -17.45 47.77 -6.18
N LEU D 274 -17.58 48.01 -4.88
CA LEU D 274 -17.89 49.32 -4.36
C LEU D 274 -16.73 49.80 -3.46
N SER D 275 -16.66 51.12 -3.29
CA SER D 275 -15.75 51.71 -2.35
C SER D 275 -16.51 52.49 -1.29
N TYR D 276 -16.30 52.17 -0.02
CA TYR D 276 -17.10 52.70 1.07
C TYR D 276 -16.30 53.72 1.86
N ALA D 277 -16.96 54.87 2.07
CA ALA D 277 -16.43 55.92 2.96
C ALA D 277 -16.82 55.58 4.40
N ASN D 278 -15.94 55.84 5.37
CA ASN D 278 -16.22 55.46 6.74
C ASN D 278 -15.48 56.33 7.75
N GLU D 279 -15.95 57.56 7.93
CA GLU D 279 -15.43 58.40 8.99
C GLU D 279 -16.55 58.65 9.98
N TYR D 280 -16.20 58.52 11.25
CA TYR D 280 -17.18 58.73 12.29
C TYR D 280 -16.47 59.18 13.55
N THR D 281 -17.14 60.03 14.33
CA THR D 281 -16.66 60.46 15.64
C THR D 281 -17.78 59.96 16.54
N CYS D 282 -17.41 59.27 17.61
CA CYS D 282 -18.37 58.77 18.57
C CYS D 282 -18.65 59.84 19.63
N ALA D 283 -19.49 59.49 20.60
CA ALA D 283 -19.82 60.43 21.67
C ALA D 283 -18.80 60.75 22.75
N GLY D 284 -17.67 60.04 22.69
CA GLY D 284 -16.60 60.24 23.66
C GLY D 284 -15.32 60.73 23.03
N GLY D 285 -15.43 61.21 21.80
CA GLY D 285 -14.27 61.72 21.07
C GLY D 285 -13.62 60.65 20.22
N TYR D 286 -14.34 59.56 19.99
CA TYR D 286 -13.82 58.46 19.18
C TYR D 286 -13.90 58.77 17.69
N TRP D 287 -12.79 59.27 17.14
CA TRP D 287 -12.72 59.62 15.73
C TRP D 287 -11.84 58.65 14.96
N GLN D 288 -12.41 58.04 13.92
CA GLN D 288 -11.67 57.09 13.11
C GLN D 288 -12.18 57.26 11.69
N ARG D 289 -11.25 57.38 10.76
CA ARG D 289 -11.54 57.39 9.34
C ARG D 289 -10.92 56.14 8.72
N ALA D 290 -11.78 55.16 8.42
CA ALA D 290 -11.36 53.84 7.94
C ALA D 290 -12.08 53.41 6.65
N PRO D 291 -11.79 54.07 5.52
CA PRO D 291 -12.45 53.69 4.25
C PRO D 291 -12.10 52.29 3.78
N PHE D 292 -12.92 51.68 2.93
CA PHE D 292 -12.58 50.36 2.37
C PHE D 292 -13.27 50.07 1.05
N THR D 293 -12.88 48.97 0.39
CA THR D 293 -13.52 48.51 -0.83
C THR D 293 -14.02 47.08 -0.62
N LEU D 294 -15.20 46.77 -1.19
CA LEU D 294 -15.82 45.44 -1.06
C LEU D 294 -16.30 44.88 -2.38
N ARG D 295 -16.10 43.58 -2.54
CA ARG D 295 -16.35 42.87 -3.78
C ARG D 295 -17.57 41.94 -3.60
N TRP D 296 -18.60 42.20 -4.38
CA TRP D 296 -19.88 41.55 -4.20
C TRP D 296 -20.09 40.58 -5.33
N THR D 297 -20.45 39.36 -4.99
CA THR D 297 -20.65 38.30 -5.98
C THR D 297 -22.06 37.70 -5.82
N GLY D 298 -22.43 36.88 -6.81
CA GLY D 298 -23.79 36.36 -6.92
C GLY D 298 -23.99 35.00 -6.27
N PHE D 299 -25.15 34.41 -6.53
CA PHE D 299 -25.55 33.15 -5.90
C PHE D 299 -26.12 32.19 -6.95
N ARG D 300 -26.16 30.92 -6.56
CA ARG D 300 -26.59 29.85 -7.46
C ARG D 300 -28.11 29.82 -7.52
N ASN D 301 -28.66 29.70 -8.72
CA ASN D 301 -30.10 29.53 -8.88
C ASN D 301 -30.49 28.07 -8.68
N SER D 302 -31.76 27.84 -8.38
CA SER D 302 -32.29 26.50 -8.24
C SER D 302 -33.49 26.34 -9.16
N ASP D 303 -34.09 25.16 -9.14
CA ASP D 303 -35.16 24.81 -10.05
C ASP D 303 -36.44 24.57 -9.26
N ALA D 304 -37.58 24.83 -9.87
CA ALA D 304 -38.87 24.50 -9.27
C ALA D 304 -39.43 23.24 -9.95
N GLY D 305 -39.30 22.09 -9.28
CA GLY D 305 -39.86 20.82 -9.77
C GLY D 305 -41.24 20.45 -9.23
N SER D 306 -41.87 19.48 -9.87
CA SER D 306 -43.16 18.96 -9.39
C SER D 306 -43.30 17.49 -9.81
N ASN D 307 -43.77 16.65 -8.90
CA ASN D 307 -44.08 15.26 -9.21
C ASN D 307 -45.48 14.91 -8.73
N GLY D 308 -46.00 13.74 -9.08
CA GLY D 308 -47.33 13.39 -8.63
C GLY D 308 -47.90 12.08 -9.08
N ILE D 309 -49.10 11.80 -8.58
CA ILE D 309 -49.81 10.56 -8.77
C ILE D 309 -51.20 10.92 -9.31
N VAL D 310 -51.79 10.00 -10.06
CA VAL D 310 -53.04 10.28 -10.77
C VAL D 310 -54.06 9.16 -10.60
N ILE D 311 -55.31 9.50 -10.36
CA ILE D 311 -56.35 8.51 -10.20
C ILE D 311 -57.47 8.69 -11.21
N VAL D 312 -57.68 7.70 -12.07
CA VAL D 312 -58.81 7.75 -13.03
C VAL D 312 -60.06 6.95 -12.64
N ALA D 313 -61.21 7.61 -12.65
CA ALA D 313 -62.46 6.99 -12.23
C ALA D 313 -63.52 7.21 -13.26
#